data_1JOH
# 
_entry.id   1JOH 
# 
_audit_conform.dict_name       mmcif_pdbx.dic 
_audit_conform.dict_version    5.399 
_audit_conform.dict_location   http://mmcif.pdb.org/dictionaries/ascii/mmcif_pdbx.dic 
# 
loop_
_database_2.database_id 
_database_2.database_code 
_database_2.pdbx_database_accession 
_database_2.pdbx_DOI 
PDB   1JOH         pdb_00001joh 10.2210/pdb1joh/pdb 
WWPDB D_1000174352 ?            ?                   
# 
loop_
_pdbx_audit_revision_history.ordinal 
_pdbx_audit_revision_history.data_content_type 
_pdbx_audit_revision_history.major_revision 
_pdbx_audit_revision_history.minor_revision 
_pdbx_audit_revision_history.revision_date 
1 'Structure model' 1 0 1999-01-20 
2 'Structure model' 1 1 2011-06-14 
3 'Structure model' 1 2 2011-07-13 
4 'Structure model' 1 3 2011-07-27 
5 'Structure model' 1 4 2012-12-12 
6 'Structure model' 1 5 2020-03-04 
7 'Structure model' 1 6 2024-04-03 
8 'Structure model' 1 7 2024-12-25 
# 
_pdbx_audit_revision_details.ordinal             1 
_pdbx_audit_revision_details.revision_ordinal    1 
_pdbx_audit_revision_details.data_content_type   'Structure model' 
_pdbx_audit_revision_details.provider            repository 
_pdbx_audit_revision_details.type                'Initial release' 
_pdbx_audit_revision_details.description         ? 
_pdbx_audit_revision_details.details             ? 
# 
loop_
_pdbx_audit_revision_group.ordinal 
_pdbx_audit_revision_group.revision_ordinal 
_pdbx_audit_revision_group.data_content_type 
_pdbx_audit_revision_group.group 
1  2 'Structure model' 'Version format compliance' 
2  3 'Structure model' 'Version format compliance' 
3  4 'Structure model' 'Atomic model'              
4  4 'Structure model' 'Database references'       
5  4 'Structure model' 'Derived calculations'      
6  4 'Structure model' 'Non-polymer description'   
7  4 'Structure model' 'Structure summary'         
8  5 'Structure model' Other                       
9  6 'Structure model' 'Data collection'           
10 6 'Structure model' 'Derived calculations'      
11 6 'Structure model' Other                       
12 6 'Structure model' 'Refinement description'    
13 6 'Structure model' 'Structure summary'         
14 7 'Structure model' 'Data collection'           
15 7 'Structure model' 'Database references'       
16 7 'Structure model' 'Derived calculations'      
17 7 'Structure model' 'Refinement description'    
18 8 'Structure model' Advisory                    
19 8 'Structure model' 'Derived calculations'      
20 8 'Structure model' 'Structure summary'         
# 
loop_
_pdbx_audit_revision_category.ordinal 
_pdbx_audit_revision_category.revision_ordinal 
_pdbx_audit_revision_category.data_content_type 
_pdbx_audit_revision_category.category 
1  6 'Structure model' chem_comp                     
2  6 'Structure model' pdbx_database_status          
3  6 'Structure model' refine                        
4  6 'Structure model' reflns                        
5  6 'Structure model' struct_conn                   
6  7 'Structure model' chem_comp_atom                
7  7 'Structure model' chem_comp_bond                
8  7 'Structure model' database_2                    
9  7 'Structure model' pdbx_initial_refinement_model 
10 7 'Structure model' struct_conn                   
11 8 'Structure model' pdbx_entry_details            
12 8 'Structure model' pdbx_modification_feature     
13 8 'Structure model' pdbx_unobs_or_zero_occ_atoms  
14 8 'Structure model' pdbx_validate_close_contact   
15 8 'Structure model' pdbx_validate_symm_contact    
16 8 'Structure model' struct_conn                   
# 
loop_
_pdbx_audit_revision_item.ordinal 
_pdbx_audit_revision_item.revision_ordinal 
_pdbx_audit_revision_item.data_content_type 
_pdbx_audit_revision_item.item 
1  6 'Structure model' '_chem_comp.pdbx_synonyms'                     
2  6 'Structure model' '_pdbx_database_status.process_site'           
3  6 'Structure model' '_refine.ls_R_factor_obs'                      
4  6 'Structure model' '_refine.ls_number_reflns_obs'                 
5  6 'Structure model' '_reflns.pdbx_Rmerge_I_obs'                    
6  6 'Structure model' '_struct_conn.pdbx_leaving_atom_flag'          
7  7 'Structure model' '_database_2.pdbx_DOI'                         
8  7 'Structure model' '_database_2.pdbx_database_accession'          
9  7 'Structure model' '_struct_conn.pdbx_dist_value'                 
10 7 'Structure model' '_struct_conn.pdbx_leaving_atom_flag'          
11 7 'Structure model' '_struct_conn.ptnr1_auth_asym_id'              
12 7 'Structure model' '_struct_conn.ptnr1_auth_comp_id'              
13 7 'Structure model' '_struct_conn.ptnr1_auth_seq_id'               
14 7 'Structure model' '_struct_conn.ptnr1_label_asym_id'             
15 7 'Structure model' '_struct_conn.ptnr1_label_atom_id'             
16 7 'Structure model' '_struct_conn.ptnr1_label_comp_id'             
17 7 'Structure model' '_struct_conn.ptnr1_label_seq_id'              
18 7 'Structure model' '_struct_conn.ptnr2_auth_asym_id'              
19 7 'Structure model' '_struct_conn.ptnr2_auth_comp_id'              
20 7 'Structure model' '_struct_conn.ptnr2_auth_seq_id'               
21 7 'Structure model' '_struct_conn.ptnr2_label_asym_id'             
22 7 'Structure model' '_struct_conn.ptnr2_label_atom_id'             
23 7 'Structure model' '_struct_conn.ptnr2_label_comp_id'             
24 7 'Structure model' '_struct_conn.ptnr2_label_seq_id'              
25 8 'Structure model' '_pdbx_entry_details.has_protein_modification' 
# 
_pdbx_database_status.status_code                     REL 
_pdbx_database_status.entry_id                        1JOH 
_pdbx_database_status.recvd_initial_deposition_date   1997-10-11 
_pdbx_database_status.deposit_site                    ? 
_pdbx_database_status.process_site                    BNL 
_pdbx_database_status.SG_entry                        . 
_pdbx_database_status.pdb_format_compatible           Y 
_pdbx_database_status.status_code_mr                  ? 
_pdbx_database_status.status_code_sf                  ? 
_pdbx_database_status.status_code_cs                  ? 
_pdbx_database_status.methods_development_category    ? 
_pdbx_database_status.status_code_nmr_data            ? 
# 
loop_
_pdbx_database_related.db_name 
_pdbx_database_related.db_id 
_pdbx_database_related.content_type 
_pdbx_database_related.details 
PDB 1M24 unspecified 'CRYSTAL STRUCTURE OF THE PEPTAIBOL TRICHOTOXIN_A50E'                       
PDB 1R9U unspecified 'SOLUTION STRUCTURE OF THE PEPTAIBOL ZERVAMICIN IIB IN METHANOL'            
PDB 1DLZ unspecified 'SOLUTION STRUCTURE OF THE PEPTIABOL ZERVAMICIN IIB'                        
PDB 1IH9 unspecified 'SOLUTION STRUCTURE OF THE PEPTAIBOL ZERVAMICIN IIB BOUND TO DPC MICELLES'  
PDB 1GQ0 unspecified 'SOLUTION STRUCTURE OF THE PEPTAIBOL ANTIAMOEBIN I'                         
PDB 1AMT unspecified 'CRYSTAL STRUCTURE OF THE PEPTAIBOL ALAMETHICIN'                            
PDB 1EE7 unspecified 'SOLUTION STRUCTURE OF THE PEPTAIBOL CHRYSOSPERMIN C BOUND TO DPC MICELLES' 
PDB 1OB7 unspecified 'CRYSTAL STRUCTURE OF THE PEPTAIBOL CEPHAIBOL C'                            
PDB 1OB6 unspecified 'CRYSTAL STRUCTURE OF THE PEPTAIBOL CEPHAIBOL B'                            
PDB 1OB4 unspecified 'CRYSTAL STRUCTURE OF THE PEPTAIBOL CEPHAIBOL A'                            
# 
loop_
_audit_author.name 
_audit_author.pdbx_ordinal 
'Snook, C.F.'   1 
'Wallace, B.A.' 2 
# 
loop_
_citation.id 
_citation.title 
_citation.journal_abbrev 
_citation.journal_volume 
_citation.page_first 
_citation.page_last 
_citation.year 
_citation.journal_id_ASTM 
_citation.country 
_citation.journal_id_ISSN 
_citation.journal_id_CSD 
_citation.book_publisher 
_citation.pdbx_database_id_PubMed 
_citation.pdbx_database_id_DOI 
primary 'The Structure and Function of Antiamoebin I, a Proline-Rich Membrane-Active Polypeptide.' Structure                      
6  783  ? 1998 STRUE6 UK 0969-2126 2005 ?                                        9655831  '10.1016/S0969-2126(98)00079-3' 
1       'The Molecular-Replacement Solution of an Intermediate-Sized Helical Polypeptide, Antiamoebin I.' 
'Acta Crystallogr.,Sect.D'     55 1539 ? 1999 ABCRE6 DK 0907-4449 0766 ?                                        10489449 
10.1107/S0907444999007921       
2       'The Structure and Function of Antiamoebin I, a Membrane-Active Peptide' 'Thesis, University of London' ?  ?    ? 1997 ? ? 
?         ?    'London : University of London (Thesis)' ?        ?                               
3       
;Molecular Redundancy and Protein Crystallography : X-Ray Structure Analysis of Antiamoebin I, Bovine Pancreatic Polypeptide and Human Serum Amyloid P Component
;
'Thesis, University of London' ?  ?    ? 1988 ?      ?  ?         ?    'London : University of London (Thesis)' ?        ? 
# 
loop_
_citation_author.citation_id 
_citation_author.name 
_citation_author.ordinal 
_citation_author.identifier_ORCID 
primary 'Snook, C.F.'    1  ? 
primary 'Woolley, G.A.'  2  ? 
primary 'Oliva, G.'      3  ? 
primary 'Pattabhi, V.'   4  ? 
primary 'Wood, S.F.'     5  ? 
primary 'Blundell, T.L.' 6  ? 
primary 'Wallace, B.A.'  7  ? 
1       'Snook, C.F.'    8  ? 
1       'Wallace, B.A.'  9  ? 
2       'Snook, C.F.'    10 ? 
3       'Oliva, G.'      11 ? 
# 
loop_
_entity.id 
_entity.type 
_entity.src_method 
_entity.pdbx_description 
_entity.formula_weight 
_entity.pdbx_number_of_molecules 
_entity.pdbx_ec 
_entity.pdbx_mutation 
_entity.pdbx_fragment 
_entity.details 
1 polymer     nat 'ANTIAMOEBIN I' 1654.991 2  ? ? ? ? 
2 non-polymer syn METHANOL        32.042   23 ? ? ? ? 
# 
_entity_poly.entity_id                      1 
_entity_poly.type                           'polypeptide(L)' 
_entity_poly.nstd_linkage                   no 
_entity_poly.nstd_monomer                   yes 
_entity_poly.pdbx_seq_one_letter_code       '(ACE)F(AIB)(AIB)(AIB)(DIV)GL(AIB)(AIB)(HYP)Q(DIV)(HYP)(AIB)P(PHL)' 
_entity_poly.pdbx_seq_one_letter_code_can   XFAAAVGLAAPQVPAPF 
_entity_poly.pdbx_strand_id                 A,B 
_entity_poly.pdbx_target_identifier         ? 
# 
_pdbx_entity_nonpoly.entity_id   2 
_pdbx_entity_nonpoly.name        METHANOL 
_pdbx_entity_nonpoly.comp_id     MOH 
# 
loop_
_entity_poly_seq.entity_id 
_entity_poly_seq.num 
_entity_poly_seq.mon_id 
_entity_poly_seq.hetero 
1 1  ACE n 
1 2  PHE n 
1 3  AIB n 
1 4  AIB n 
1 5  AIB n 
1 6  DIV n 
1 7  GLY n 
1 8  LEU n 
1 9  AIB n 
1 10 AIB n 
1 11 HYP n 
1 12 GLN n 
1 13 DIV n 
1 14 HYP n 
1 15 AIB n 
1 16 PRO n 
1 17 PHL n 
# 
_entity_src_nat.entity_id                  1 
_entity_src_nat.pdbx_src_id                1 
_entity_src_nat.pdbx_alt_source_flag       sample 
_entity_src_nat.pdbx_beg_seq_num           ? 
_entity_src_nat.pdbx_end_seq_num           ? 
_entity_src_nat.common_name                ? 
_entity_src_nat.pdbx_organism_scientific   EMERICELLOPSIS 
_entity_src_nat.pdbx_ncbi_taxonomy_id      45244 
_entity_src_nat.genus                      ? 
_entity_src_nat.species                    ? 
_entity_src_nat.strain                     ? 
_entity_src_nat.tissue                     ? 
_entity_src_nat.tissue_fraction            ? 
_entity_src_nat.pdbx_secretion             ? 
_entity_src_nat.pdbx_fragment              ? 
_entity_src_nat.pdbx_variant               ? 
_entity_src_nat.pdbx_cell_line             ? 
_entity_src_nat.pdbx_atcc                  ? 
_entity_src_nat.pdbx_cellular_location     ? 
_entity_src_nat.pdbx_organ                 ? 
_entity_src_nat.pdbx_organelle             ? 
_entity_src_nat.pdbx_cell                  ? 
_entity_src_nat.pdbx_plasmid_name          ? 
_entity_src_nat.pdbx_plasmid_details       ? 
_entity_src_nat.details                    ? 
# 
loop_
_chem_comp.id 
_chem_comp.type 
_chem_comp.mon_nstd_flag 
_chem_comp.name 
_chem_comp.pdbx_synonyms 
_chem_comp.formula 
_chem_comp.formula_weight 
ACE non-polymer         . 'ACETYL GROUP'               ?                              'C2 H4 O'      44.053  
AIB 'L-peptide linking' n 'ALPHA-AMINOISOBUTYRIC ACID' ?                              'C4 H9 N O2'   103.120 
DIV 'D-peptide linking' . D-ISOVALINE                  ?                              'C5 H11 N O2'  117.146 
GLN 'L-peptide linking' y GLUTAMINE                    ?                              'C5 H10 N2 O3' 146.144 
GLY 'peptide linking'   y GLYCINE                      ?                              'C2 H5 N O2'   75.067  
HYP 'L-peptide linking' n 4-HYDROXYPROLINE             HYDROXYPROLINE                 'C5 H9 N O3'   131.130 
LEU 'L-peptide linking' y LEUCINE                      ?                              'C6 H13 N O2'  131.173 
MOH non-polymer         . METHANOL                     ?                              'C H4 O'       32.042  
PHE 'L-peptide linking' y PHENYLALANINE                ?                              'C9 H11 N O2'  165.189 
PHL 'L-peptide linking' n L-PHENYLALANINOL             'bound form of Phenylalaninal' 'C9 H13 N O'   151.206 
PRO 'L-peptide linking' y PROLINE                      ?                              'C5 H9 N O2'   115.130 
# 
loop_
_pdbx_poly_seq_scheme.asym_id 
_pdbx_poly_seq_scheme.entity_id 
_pdbx_poly_seq_scheme.seq_id 
_pdbx_poly_seq_scheme.mon_id 
_pdbx_poly_seq_scheme.ndb_seq_num 
_pdbx_poly_seq_scheme.pdb_seq_num 
_pdbx_poly_seq_scheme.auth_seq_num 
_pdbx_poly_seq_scheme.pdb_mon_id 
_pdbx_poly_seq_scheme.auth_mon_id 
_pdbx_poly_seq_scheme.pdb_strand_id 
_pdbx_poly_seq_scheme.pdb_ins_code 
_pdbx_poly_seq_scheme.hetero 
A 1 1  ACE 1  0  0  ACE ACE A . n 
A 1 2  PHE 2  1  1  PHE PHE A . n 
A 1 3  AIB 3  2  2  AIB AIB A . n 
A 1 4  AIB 4  3  3  AIB AIB A . n 
A 1 5  AIB 5  4  4  AIB AIB A . n 
A 1 6  DIV 6  5  5  DIV DIV A . n 
A 1 7  GLY 7  6  6  GLY GLY A . n 
A 1 8  LEU 8  7  7  LEU LEU A . n 
A 1 9  AIB 9  8  8  AIB AIB A . n 
A 1 10 AIB 10 9  9  AIB AIB A . n 
A 1 11 HYP 11 10 10 HYP HYP A . n 
A 1 12 GLN 12 11 11 GLN GLN A . n 
A 1 13 DIV 13 12 12 DIV DIV A . n 
A 1 14 HYP 14 13 13 HYP HYP A . n 
A 1 15 AIB 15 14 14 AIB AIB A . n 
A 1 16 PRO 16 15 15 PRO PRO A . n 
A 1 17 PHL 17 16 16 PHL PHL A . n 
B 1 1  ACE 1  0  0  ACE ACE B . n 
B 1 2  PHE 2  1  1  PHE PHE B . n 
B 1 3  AIB 3  2  2  AIB AIB B . n 
B 1 4  AIB 4  3  3  AIB AIB B . n 
B 1 5  AIB 5  4  4  AIB AIB B . n 
B 1 6  DIV 6  5  5  DIV DIV B . n 
B 1 7  GLY 7  6  6  GLY GLY B . n 
B 1 8  LEU 8  7  7  LEU LEU B . n 
B 1 9  AIB 9  8  8  AIB AIB B . n 
B 1 10 AIB 10 9  9  AIB AIB B . n 
B 1 11 HYP 11 10 10 HYP HYP B . n 
B 1 12 GLN 12 11 11 GLN GLN B . n 
B 1 13 DIV 13 12 12 DIV DIV B . n 
B 1 14 HYP 14 13 13 HYP HYP B . n 
B 1 15 AIB 15 14 14 AIB AIB B . n 
B 1 16 PRO 16 15 15 PRO PRO B . n 
B 1 17 PHL 17 16 16 PHL PHL B . n 
# 
loop_
_pdbx_nonpoly_scheme.asym_id 
_pdbx_nonpoly_scheme.entity_id 
_pdbx_nonpoly_scheme.mon_id 
_pdbx_nonpoly_scheme.ndb_seq_num 
_pdbx_nonpoly_scheme.pdb_seq_num 
_pdbx_nonpoly_scheme.auth_seq_num 
_pdbx_nonpoly_scheme.pdb_mon_id 
_pdbx_nonpoly_scheme.auth_mon_id 
_pdbx_nonpoly_scheme.pdb_strand_id 
_pdbx_nonpoly_scheme.pdb_ins_code 
C 2 MOH 1 18 18 MOH MOH A . 
D 2 MOH 1 19 19 MOH MOH A . 
E 2 MOH 1 20 20 MOH MOH A . 
F 2 MOH 1 21 21 MOH MOH A . 
G 2 MOH 1 22 22 MOH MOH A . 
H 2 MOH 1 23 23 MOH MOH A . 
I 2 MOH 1 24 24 MOH MOH A . 
J 2 MOH 1 25 25 MOH MOH A . 
K 2 MOH 1 26 26 MOH MOH A . 
L 2 MOH 1 27 27 MOH MOH A . 
M 2 MOH 1 28 28 MOH MOH A . 
N 2 MOH 1 18 18 MOH MOH B . 
O 2 MOH 1 19 19 MOH MOH B . 
P 2 MOH 1 20 20 MOH MOH B . 
Q 2 MOH 1 21 21 MOH MOH B . 
R 2 MOH 1 22 22 MOH MOH B . 
S 2 MOH 1 23 23 MOH MOH B . 
T 2 MOH 1 24 24 MOH MOH B . 
U 2 MOH 1 25 25 MOH MOH B . 
V 2 MOH 1 26 26 MOH MOH B . 
W 2 MOH 1 27 27 MOH MOH B . 
X 2 MOH 1 28 28 MOH MOH B . 
Y 2 MOH 1 29 29 MOH MOH B . 
# 
loop_
_pdbx_unobs_or_zero_occ_atoms.id 
_pdbx_unobs_or_zero_occ_atoms.PDB_model_num 
_pdbx_unobs_or_zero_occ_atoms.polymer_flag 
_pdbx_unobs_or_zero_occ_atoms.occupancy_flag 
_pdbx_unobs_or_zero_occ_atoms.auth_asym_id 
_pdbx_unobs_or_zero_occ_atoms.auth_comp_id 
_pdbx_unobs_or_zero_occ_atoms.auth_seq_id 
_pdbx_unobs_or_zero_occ_atoms.PDB_ins_code 
_pdbx_unobs_or_zero_occ_atoms.auth_atom_id 
_pdbx_unobs_or_zero_occ_atoms.label_alt_id 
_pdbx_unobs_or_zero_occ_atoms.label_asym_id 
_pdbx_unobs_or_zero_occ_atoms.label_comp_id 
_pdbx_unobs_or_zero_occ_atoms.label_seq_id 
_pdbx_unobs_or_zero_occ_atoms.label_atom_id 
1  1 N 1 A MOH 23 ? C ? H MOH 1 C 
2  1 N 1 A MOH 24 ? C ? I MOH 1 C 
3  1 N 1 A MOH 25 ? C ? J MOH 1 C 
4  1 N 1 A MOH 26 ? C ? K MOH 1 C 
5  1 N 1 A MOH 28 ? C ? M MOH 1 C 
6  1 N 1 B MOH 20 ? C ? P MOH 1 C 
7  1 N 1 B MOH 21 ? C ? Q MOH 1 C 
8  1 N 1 B MOH 22 ? C ? R MOH 1 C 
9  1 N 1 B MOH 23 ? C ? S MOH 1 C 
10 1 N 1 B MOH 24 ? C ? T MOH 1 C 
11 1 N 1 B MOH 25 ? C ? U MOH 1 C 
12 1 N 1 B MOH 26 ? C ? V MOH 1 C 
13 1 N 1 B MOH 27 ? C ? W MOH 1 C 
14 1 N 1 B MOH 28 ? C ? X MOH 1 C 
15 1 N 1 B MOH 29 ? C ? Y MOH 1 C 
# 
loop_
_software.name 
_software.classification 
_software.version 
_software.citation_id 
_software.pdbx_ordinal 
_software.date 
_software.type 
_software.location 
_software.language 
SHELXL-93 'model building' . ? 1 ? ? ? ? 
SHELXL-93 refinement       . ? 2 ? ? ? ? 
SHELXL-93 phasing          . ? 3 ? ? ? ? 
# 
_cell.entry_id           1JOH 
_cell.length_a           26.530 
_cell.length_b           28.820 
_cell.length_c           9.060 
_cell.angle_alpha        88.90 
_cell.angle_beta         96.64 
_cell.angle_gamma        123.85 
_cell.Z_PDB              2 
_cell.pdbx_unique_axis   ? 
# 
_symmetry.entry_id                         1JOH 
_symmetry.space_group_name_H-M             'P 1' 
_symmetry.pdbx_full_space_group_name_H-M   ? 
_symmetry.cell_setting                     ? 
_symmetry.Int_Tables_number                1 
# 
_exptl.entry_id          1JOH 
_exptl.method            'X-RAY DIFFRACTION' 
_exptl.crystals_number   1 
# 
_exptl_crystal.id                    1 
_exptl_crystal.density_meas          ? 
_exptl_crystal.density_Matthews      1.71 
_exptl_crystal.density_percent_sol   28.00 
_exptl_crystal.description           'USED NORMALISED STRUCTURE FACTORS' 
_exptl_crystal.preparation           ? 
# 
_diffrn.id                               1 
_diffrn.ambient_temp                     293 
_diffrn.ambient_temp_details             ? 
_diffrn.crystal_id                       1 
_diffrn.pdbx_serial_crystal_experiment   ? 
# 
_diffrn_detector.diffrn_id              1 
_diffrn_detector.detector               DIFFRACTOMETER 
_diffrn_detector.type                   HILGER-WATTS 
_diffrn_detector.pdbx_collection_date   1986 
_diffrn_detector.details                ? 
# 
_diffrn_radiation.diffrn_id                        1 
_diffrn_radiation.wavelength_id                    1 
_diffrn_radiation.pdbx_monochromatic_or_laue_m_l   M 
_diffrn_radiation.monochromator                    'NI FILTER' 
_diffrn_radiation.pdbx_diffrn_protocol             ? 
_diffrn_radiation.pdbx_scattering_type             x-ray 
# 
_diffrn_radiation_wavelength.id           1 
_diffrn_radiation_wavelength.wavelength   1.5418 
_diffrn_radiation_wavelength.wt           1.0 
# 
_diffrn_source.diffrn_id                   1 
_diffrn_source.source                      'SEALED TUBE' 
_diffrn_source.type                        ? 
_diffrn_source.pdbx_synchrotron_site       ? 
_diffrn_source.pdbx_synchrotron_beamline   ? 
_diffrn_source.pdbx_wavelength             1.5418 
_diffrn_source.pdbx_wavelength_list        ? 
# 
_reflns.pdbx_diffrn_id               1 
_reflns.pdbx_ordinal                 1 
_reflns.entry_id                     1JOH 
_reflns.observed_criterion_sigma_I   0.000 
_reflns.observed_criterion_sigma_F   ? 
_reflns.d_resolution_low             25.000 
_reflns.d_resolution_high            1.200 
_reflns.number_obs                   6715 
_reflns.number_all                   ? 
_reflns.percent_possible_obs         93.7 
_reflns.pdbx_Rmerge_I_obs            0.0120000 
_reflns.pdbx_Rsym_value              ? 
_reflns.pdbx_netI_over_sigmaI        10.5000 
_reflns.B_iso_Wilson_estimate        ? 
_reflns.pdbx_redundancy              1.000 
_reflns.pdbx_CC_half                 ? 
_reflns.pdbx_CC_star                 ? 
_reflns.pdbx_Rpim_I_all              ? 
_reflns.pdbx_Rrim_I_all              ? 
# 
_refine.pdbx_refine_id                           'X-RAY DIFFRACTION' 
_refine.entry_id                                 1JOH 
_refine.pdbx_diffrn_id                           1 
_refine.pdbx_TLS_residual_ADP_flag               ? 
_refine.ls_number_reflns_obs                     4359 
_refine.ls_number_reflns_all                     4359 
_refine.pdbx_ls_sigma_I                          ? 
_refine.pdbx_ls_sigma_F                          0.000 
_refine.pdbx_data_cutoff_high_absF               ? 
_refine.pdbx_data_cutoff_low_absF                ? 
_refine.pdbx_data_cutoff_high_rms_absF           ? 
_refine.ls_d_res_low                             25.00 
_refine.ls_d_res_high                            1.40 
_refine.ls_percent_reflns_obs                    95.4 
_refine.ls_R_factor_obs                          0.156 
_refine.ls_R_factor_all                          0.156 
_refine.ls_R_factor_R_work                       ? 
_refine.ls_R_factor_R_free                       ? 
_refine.ls_R_factor_R_free_error                 ? 
_refine.ls_R_factor_R_free_error_details         ? 
_refine.ls_percent_reflns_R_free                 ? 
_refine.ls_number_reflns_R_free                  ? 
_refine.ls_number_parameters                     1074 
_refine.ls_number_restraints                     982 
_refine.occupancy_min                            ? 
_refine.occupancy_max                            ? 
_refine.correlation_coeff_Fo_to_Fc               ? 
_refine.correlation_coeff_Fo_to_Fc_free          ? 
_refine.B_iso_mean                               ? 
_refine.aniso_B[1][1]                            ? 
_refine.aniso_B[2][2]                            ? 
_refine.aniso_B[3][3]                            ? 
_refine.aniso_B[1][2]                            ? 
_refine.aniso_B[1][3]                            ? 
_refine.aniso_B[2][3]                            ? 
_refine.solvent_model_details                    ? 
_refine.solvent_model_param_ksol                 ? 
_refine.solvent_model_param_bsol                 ? 
_refine.pdbx_solvent_vdw_probe_radii             ? 
_refine.pdbx_solvent_ion_probe_radii             ? 
_refine.pdbx_solvent_shrinkage_radii             ? 
_refine.pdbx_ls_cross_valid_method               ? 
_refine.details                                  
;REFINEMENT STARTED USING 10.0 TO 2.5A AND DATA CUT-OFF AT 2 SIGMA IN X-PLOR. HIGH RESOLUTION LIMIT INCREASED TO 2.0A, LOW RESOLUTION DECREASED TO 25.0A AND DATA CUT-OFF DECREASED TO 0.0 SIGMA AT 2.0A RESOLUTION. RESOLUTION INCREASED FROM 2.0A TO 1.4A WITH ALL DATA USING SHELXL-93. REFINEMENT CEASED AFTER RESIDUES 1 TO 5 IN B-CHAIN IDENTIFIED AS DISORDERED IN DENSITY.
;
_refine.pdbx_starting_model                      
'RESIDUES 6 - 16 OF LEU1-ZERVAMICIN WITH ALL NON -EQUIVALENT SIDE-CHAINS TRIMMED TO ALA.' 
_refine.pdbx_method_to_determine_struct          'MOLECULAR REPLACEMENT' 
_refine.pdbx_isotropic_thermal_model             ? 
_refine.pdbx_stereochemistry_target_values       'ENGH AND HUBER' 
_refine.pdbx_stereochem_target_val_spec_case     'HETATM DATA FROM CCSD' 
_refine.pdbx_R_Free_selection_details            ? 
_refine.pdbx_overall_ESU_R                       ? 
_refine.pdbx_overall_ESU_R_Free                  ? 
_refine.overall_SU_ML                            ? 
_refine.pdbx_overall_phase_error                 ? 
_refine.overall_SU_B                             ? 
_refine.overall_SU_R_Cruickshank_DPI             ? 
_refine.pdbx_overall_SU_R_free_Cruickshank_DPI   ? 
_refine.pdbx_overall_SU_R_Blow_DPI               ? 
_refine.pdbx_overall_SU_R_free_Blow_DPI          ? 
# 
_refine_analyze.pdbx_refine_id                  'X-RAY DIFFRACTION' 
_refine_analyze.entry_id                        1JOH 
_refine_analyze.Luzzati_coordinate_error_obs    ? 
_refine_analyze.Luzzati_sigma_a_obs             ? 
_refine_analyze.Luzzati_d_res_low_obs           ? 
_refine_analyze.Luzzati_coordinate_error_free   ? 
_refine_analyze.Luzzati_sigma_a_free            ? 
_refine_analyze.Luzzati_d_res_low_free          ? 
_refine_analyze.number_disordered_residues      ? 
_refine_analyze.occupancy_sum_hydrogen          ? 
_refine_analyze.occupancy_sum_non_hydrogen      268.00 
# 
_refine_hist.pdbx_refine_id                   'X-RAY DIFFRACTION' 
_refine_hist.cycle_id                         LAST 
_refine_hist.pdbx_number_atoms_protein        238 
_refine_hist.pdbx_number_atoms_nucleic_acid   0 
_refine_hist.pdbx_number_atoms_ligand         30 
_refine_hist.number_atoms_solvent             0 
_refine_hist.number_atoms_total               268 
_refine_hist.d_res_high                       1.40 
_refine_hist.d_res_low                        25.00 
# 
loop_
_refine_ls_restr.type 
_refine_ls_restr.dev_ideal 
_refine_ls_restr.dev_ideal_target 
_refine_ls_restr.weight 
_refine_ls_restr.number 
_refine_ls_restr.pdbx_refine_id 
_refine_ls_restr.pdbx_restraint_function 
s_bond_d               0.036 ? ? ? 'X-RAY DIFFRACTION' ? 
s_angle_d              3.152 ? ? ? 'X-RAY DIFFRACTION' ? 
s_similar_dist         0.000 ? ? ? 'X-RAY DIFFRACTION' ? 
s_from_restr_planes    0.000 ? ? ? 'X-RAY DIFFRACTION' ? 
s_zero_chiral_vol      0.000 ? ? ? 'X-RAY DIFFRACTION' ? 
s_non_zero_chiral_vol  0.000 ? ? ? 'X-RAY DIFFRACTION' ? 
s_anti_bump_dis_restr  0.016 ? ? ? 'X-RAY DIFFRACTION' ? 
s_rigid_bond_adp_cmpnt 0.005 ? ? ? 'X-RAY DIFFRACTION' ? 
s_similar_adp_cmpnt    0.022 ? ? ? 'X-RAY DIFFRACTION' ? 
s_approx_iso_adps      0.065 ? ? ? 'X-RAY DIFFRACTION' ? 
# 
_pdbx_refine.pdbx_refine_id                              'X-RAY DIFFRACTION' 
_pdbx_refine.entry_id                                    1JOH 
_pdbx_refine.R_factor_all_no_cutoff                      0.156 
_pdbx_refine.R_factor_obs_no_cutoff                      ? 
_pdbx_refine.free_R_factor_no_cutoff                     ? 
_pdbx_refine.free_R_error_no_cutoff                      ? 
_pdbx_refine.free_R_val_test_set_size_perc_no_cutoff     ? 
_pdbx_refine.free_R_val_test_set_ct_no_cutoff            ? 
_pdbx_refine.R_factor_all_4sig_cutoff                    0.136 
_pdbx_refine.R_factor_obs_4sig_cutoff                    ? 
_pdbx_refine.free_R_factor_4sig_cutoff                   ? 
_pdbx_refine.free_R_val_test_set_size_perc_4sig_cutoff   ? 
_pdbx_refine.free_R_val_test_set_ct_4sig_cutoff          ? 
_pdbx_refine.number_reflns_obs_4sig_cutoff               3567 
# 
_struct_ncs_oper.id             1 
_struct_ncs_oper.code           given 
_struct_ncs_oper.details        ? 
_struct_ncs_oper.matrix[1][1]   -0.91859284 
_struct_ncs_oper.matrix[1][2]   -0.35963890 
_struct_ncs_oper.matrix[1][3]   0.16385070 
_struct_ncs_oper.matrix[2][1]   -0.35963890 
_struct_ncs_oper.matrix[2][2]   0.58880548 
_struct_ncs_oper.matrix[2][3]   -0.72385631 
_struct_ncs_oper.matrix[3][1]   0.16385070 
_struct_ncs_oper.matrix[3][2]   -0.72385631 
_struct_ncs_oper.matrix[3][3]   -0.67021264 
_struct_ncs_oper.vector[1]      -44.29050 
_struct_ncs_oper.vector[2]      30.12284 
_struct_ncs_oper.vector[3]      88.12235 
# 
_struct.entry_id                  1JOH 
_struct.title                     'THE STRUCTURE OF ANTIAMOEBIN I, A MEMBRANE-ACTIVE PEPTIDE' 
_struct.pdbx_model_details        ? 
_struct.pdbx_CASP_flag            ? 
_struct.pdbx_model_type_details   ? 
# 
_struct_keywords.entry_id        1JOH 
_struct_keywords.pdbx_keywords   ANTIBIOTIC 
_struct_keywords.text            'ANTIAMOEBIN I, PEPTAIBOL, ANTIBACTERIAL, ANTIFUNGAL, ANTIBIOTIC' 
# 
loop_
_struct_asym.id 
_struct_asym.pdbx_blank_PDB_chainid_flag 
_struct_asym.pdbx_modified 
_struct_asym.entity_id 
_struct_asym.details 
A N N 1 ? 
B N N 1 ? 
C N N 2 ? 
D N N 2 ? 
E N N 2 ? 
F N N 2 ? 
G N N 2 ? 
H N N 2 ? 
I N N 2 ? 
J N N 2 ? 
K N N 2 ? 
L N N 2 ? 
M N N 2 ? 
N N N 2 ? 
O N N 2 ? 
P N N 2 ? 
Q N N 2 ? 
R N N 2 ? 
S N N 2 ? 
T N N 2 ? 
U N N 2 ? 
V N N 2 ? 
W N N 2 ? 
X N N 2 ? 
Y N N 2 ? 
# 
_struct_ref.id                         1 
_struct_ref.db_name                    NOR 
_struct_ref.db_code                    NOR00945 
_struct_ref.entity_id                  1 
_struct_ref.pdbx_seq_one_letter_code   ? 
_struct_ref.pdbx_align_begin           ? 
_struct_ref.pdbx_db_accession          NOR00945 
_struct_ref.pdbx_db_isoform            ? 
# 
loop_
_struct_ref_seq.align_id 
_struct_ref_seq.ref_id 
_struct_ref_seq.pdbx_PDB_id_code 
_struct_ref_seq.pdbx_strand_id 
_struct_ref_seq.seq_align_beg 
_struct_ref_seq.pdbx_seq_align_beg_ins_code 
_struct_ref_seq.seq_align_end 
_struct_ref_seq.pdbx_seq_align_end_ins_code 
_struct_ref_seq.pdbx_db_accession 
_struct_ref_seq.db_align_beg 
_struct_ref_seq.pdbx_db_align_beg_ins_code 
_struct_ref_seq.db_align_end 
_struct_ref_seq.pdbx_db_align_end_ins_code 
_struct_ref_seq.pdbx_auth_seq_align_beg 
_struct_ref_seq.pdbx_auth_seq_align_end 
1 1 1JOH A 1 ? 17 ? NOR00945 0 ? 16 ? 0 16 
2 1 1JOH B 1 ? 17 ? NOR00945 0 ? 16 ? 0 16 
# 
loop_
_pdbx_struct_assembly.id 
_pdbx_struct_assembly.details 
_pdbx_struct_assembly.method_details 
_pdbx_struct_assembly.oligomeric_details 
_pdbx_struct_assembly.oligomeric_count 
1 author_defined_assembly ? monomeric 1 
2 author_defined_assembly ? monomeric 1 
# 
loop_
_pdbx_struct_assembly_gen.assembly_id 
_pdbx_struct_assembly_gen.oper_expression 
_pdbx_struct_assembly_gen.asym_id_list 
1 1 A,C,D,E,F,G,H,I,J,K,L,M   
2 1 B,N,O,P,Q,R,S,T,U,V,W,X,Y 
# 
_pdbx_struct_oper_list.id                   1 
_pdbx_struct_oper_list.type                 'identity operation' 
_pdbx_struct_oper_list.name                 1_555 
_pdbx_struct_oper_list.symmetry_operation   x,y,z 
_pdbx_struct_oper_list.matrix[1][1]         1.0000000000 
_pdbx_struct_oper_list.matrix[1][2]         0.0000000000 
_pdbx_struct_oper_list.matrix[1][3]         0.0000000000 
_pdbx_struct_oper_list.vector[1]            0.0000000000 
_pdbx_struct_oper_list.matrix[2][1]         0.0000000000 
_pdbx_struct_oper_list.matrix[2][2]         1.0000000000 
_pdbx_struct_oper_list.matrix[2][3]         0.0000000000 
_pdbx_struct_oper_list.vector[2]            0.0000000000 
_pdbx_struct_oper_list.matrix[3][1]         0.0000000000 
_pdbx_struct_oper_list.matrix[3][2]         0.0000000000 
_pdbx_struct_oper_list.matrix[3][3]         1.0000000000 
_pdbx_struct_oper_list.vector[3]            0.0000000000 
# 
loop_
_struct_conf.conf_type_id 
_struct_conf.id 
_struct_conf.pdbx_PDB_helix_id 
_struct_conf.beg_label_comp_id 
_struct_conf.beg_label_asym_id 
_struct_conf.beg_label_seq_id 
_struct_conf.pdbx_beg_PDB_ins_code 
_struct_conf.end_label_comp_id 
_struct_conf.end_label_asym_id 
_struct_conf.end_label_seq_id 
_struct_conf.pdbx_end_PDB_ins_code 
_struct_conf.beg_auth_comp_id 
_struct_conf.beg_auth_asym_id 
_struct_conf.beg_auth_seq_id 
_struct_conf.end_auth_comp_id 
_struct_conf.end_auth_asym_id 
_struct_conf.end_auth_seq_id 
_struct_conf.pdbx_PDB_helix_class 
_struct_conf.details 
_struct_conf.pdbx_PDB_helix_length 
HELX_P HELX_P1 1 PHE A 2 ? HYP A 11 ? PHE A 1 HYP A 10 1 ? 10 
HELX_P HELX_P2 2 AIB B 3 ? HYP B 11 ? AIB B 2 HYP B 10 1 ? 9  
# 
_struct_conf_type.id          HELX_P 
_struct_conf_type.criteria    ? 
_struct_conf_type.reference   ? 
# 
loop_
_struct_conn.id 
_struct_conn.conn_type_id 
_struct_conn.pdbx_leaving_atom_flag 
_struct_conn.pdbx_PDB_id 
_struct_conn.ptnr1_label_asym_id 
_struct_conn.ptnr1_label_comp_id 
_struct_conn.ptnr1_label_seq_id 
_struct_conn.ptnr1_label_atom_id 
_struct_conn.pdbx_ptnr1_label_alt_id 
_struct_conn.pdbx_ptnr1_PDB_ins_code 
_struct_conn.pdbx_ptnr1_standard_comp_id 
_struct_conn.ptnr1_symmetry 
_struct_conn.ptnr2_label_asym_id 
_struct_conn.ptnr2_label_comp_id 
_struct_conn.ptnr2_label_seq_id 
_struct_conn.ptnr2_label_atom_id 
_struct_conn.pdbx_ptnr2_label_alt_id 
_struct_conn.pdbx_ptnr2_PDB_ins_code 
_struct_conn.ptnr1_auth_asym_id 
_struct_conn.ptnr1_auth_comp_id 
_struct_conn.ptnr1_auth_seq_id 
_struct_conn.ptnr2_auth_asym_id 
_struct_conn.ptnr2_auth_comp_id 
_struct_conn.ptnr2_auth_seq_id 
_struct_conn.ptnr2_symmetry 
_struct_conn.pdbx_ptnr3_label_atom_id 
_struct_conn.pdbx_ptnr3_label_seq_id 
_struct_conn.pdbx_ptnr3_label_comp_id 
_struct_conn.pdbx_ptnr3_label_asym_id 
_struct_conn.pdbx_ptnr3_label_alt_id 
_struct_conn.pdbx_ptnr3_PDB_ins_code 
_struct_conn.details 
_struct_conn.pdbx_dist_value 
_struct_conn.pdbx_value_order 
_struct_conn.pdbx_role 
covale1  covale both ? A ACE 1  C ? ? ? 1_555 A PHE 2  N ? ? A ACE 0  A PHE 1  1_555 ? ? ? ? ? ? ? 1.342 ? ? 
covale2  covale both ? A PHE 2  C ? ? ? 1_555 A AIB 3  N ? ? A PHE 1  A AIB 2  1_555 ? ? ? ? ? ? ? 1.321 ? ? 
covale3  covale both ? A AIB 3  C ? ? ? 1_555 A AIB 4  N ? ? A AIB 2  A AIB 3  1_555 ? ? ? ? ? ? ? 1.334 ? ? 
covale4  covale both ? A AIB 4  C ? ? ? 1_555 A AIB 5  N ? ? A AIB 3  A AIB 4  1_555 ? ? ? ? ? ? ? 1.311 ? ? 
covale5  covale both ? A AIB 5  C ? ? ? 1_555 A DIV 6  N ? ? A AIB 4  A DIV 5  1_555 ? ? ? ? ? ? ? 1.343 ? ? 
covale6  covale both ? A DIV 6  C ? ? ? 1_555 A GLY 7  N ? ? A DIV 5  A GLY 6  1_555 ? ? ? ? ? ? ? 1.333 ? ? 
covale7  covale both ? A LEU 8  C ? ? ? 1_555 A AIB 9  N ? ? A LEU 7  A AIB 8  1_555 ? ? ? ? ? ? ? 1.320 ? ? 
covale8  covale both ? A AIB 9  C ? ? ? 1_555 A AIB 10 N ? ? A AIB 8  A AIB 9  1_555 ? ? ? ? ? ? ? 1.337 ? ? 
covale9  covale both ? A AIB 10 C ? ? ? 1_555 A HYP 11 N ? ? A AIB 9  A HYP 10 1_555 ? ? ? ? ? ? ? 1.320 ? ? 
covale10 covale both ? A HYP 11 C ? ? ? 1_555 A GLN 12 N ? ? A HYP 10 A GLN 11 1_555 ? ? ? ? ? ? ? 1.307 ? ? 
covale11 covale both ? A GLN 12 C ? ? ? 1_555 A DIV 13 N ? ? A GLN 11 A DIV 12 1_555 ? ? ? ? ? ? ? 1.336 ? ? 
covale12 covale both ? A DIV 13 C ? ? ? 1_555 A HYP 14 N ? ? A DIV 12 A HYP 13 1_555 ? ? ? ? ? ? ? 1.311 ? ? 
covale13 covale both ? A HYP 14 C ? ? ? 1_555 A AIB 15 N ? ? A HYP 13 A AIB 14 1_555 ? ? ? ? ? ? ? 1.323 ? ? 
covale14 covale both ? A AIB 15 C ? ? ? 1_555 A PRO 16 N ? ? A AIB 14 A PRO 15 1_555 ? ? ? ? ? ? ? 1.309 ? ? 
covale15 covale both ? A PRO 16 C ? ? ? 1_555 A PHL 17 N ? ? A PRO 15 A PHL 16 1_555 ? ? ? ? ? ? ? 1.315 ? ? 
covale16 covale none ? L MOH .  O ? ? ? 1_555 O MOH .  C ? ? A MOH 27 B MOH 19 1_555 ? ? ? ? ? ? ? 1.844 ? ? 
covale17 covale both ? B ACE 1  C ? ? ? 1_555 B PHE 2  N ? ? B ACE 0  B PHE 1  1_555 ? ? ? ? ? ? ? 1.333 ? ? 
covale18 covale both ? B PHE 2  C ? ? ? 1_555 B AIB 3  N ? ? B PHE 1  B AIB 2  1_555 ? ? ? ? ? ? ? 1.289 ? ? 
covale19 covale both ? B AIB 3  C ? ? ? 1_555 B AIB 4  N ? ? B AIB 2  B AIB 3  1_555 ? ? ? ? ? ? ? 1.322 ? ? 
covale20 covale both ? B AIB 4  C ? ? ? 1_555 B AIB 5  N ? ? B AIB 3  B AIB 4  1_555 ? ? ? ? ? ? ? 1.356 ? ? 
covale21 covale both ? B AIB 5  C ? ? ? 1_555 B DIV 6  N ? ? B AIB 4  B DIV 5  1_555 ? ? ? ? ? ? ? 1.323 ? ? 
covale22 covale both ? B DIV 6  C ? ? ? 1_555 B GLY 7  N ? ? B DIV 5  B GLY 6  1_555 ? ? ? ? ? ? ? 1.346 ? ? 
covale23 covale both ? B LEU 8  C ? ? ? 1_555 B AIB 9  N ? ? B LEU 7  B AIB 8  1_555 ? ? ? ? ? ? ? 1.339 ? ? 
covale24 covale both ? B AIB 9  C ? ? ? 1_555 B AIB 10 N ? ? B AIB 8  B AIB 9  1_555 ? ? ? ? ? ? ? 1.350 ? ? 
covale25 covale both ? B AIB 10 C ? ? ? 1_555 B HYP 11 N ? ? B AIB 9  B HYP 10 1_555 ? ? ? ? ? ? ? 1.316 ? ? 
covale26 covale both ? B HYP 11 C ? ? ? 1_555 B GLN 12 N ? ? B HYP 10 B GLN 11 1_555 ? ? ? ? ? ? ? 1.321 ? ? 
covale27 covale both ? B GLN 12 C ? ? ? 1_555 B DIV 13 N ? ? B GLN 11 B DIV 12 1_555 ? ? ? ? ? ? ? 1.320 ? ? 
covale28 covale both ? B DIV 13 C ? ? ? 1_555 B HYP 14 N ? ? B DIV 12 B HYP 13 1_555 ? ? ? ? ? ? ? 1.345 ? ? 
covale29 covale both ? B HYP 14 C ? ? ? 1_555 B AIB 15 N ? ? B HYP 13 B AIB 14 1_555 ? ? ? ? ? ? ? 1.310 ? ? 
covale30 covale both ? B AIB 15 C ? ? ? 1_555 B PRO 16 N ? ? B AIB 14 B PRO 15 1_555 ? ? ? ? ? ? ? 1.301 ? ? 
covale31 covale both ? B PRO 16 C ? ? ? 1_555 B PHL 17 N ? ? B PRO 15 B PHL 16 1_555 ? ? ? ? ? ? ? 1.314 ? ? 
# 
_struct_conn_type.id          covale 
_struct_conn_type.criteria    ? 
_struct_conn_type.reference   ? 
# 
loop_
_pdbx_modification_feature.ordinal 
_pdbx_modification_feature.label_comp_id 
_pdbx_modification_feature.label_asym_id 
_pdbx_modification_feature.label_seq_id 
_pdbx_modification_feature.label_alt_id 
_pdbx_modification_feature.modified_residue_label_comp_id 
_pdbx_modification_feature.modified_residue_label_asym_id 
_pdbx_modification_feature.modified_residue_label_seq_id 
_pdbx_modification_feature.modified_residue_label_alt_id 
_pdbx_modification_feature.auth_comp_id 
_pdbx_modification_feature.auth_asym_id 
_pdbx_modification_feature.auth_seq_id 
_pdbx_modification_feature.PDB_ins_code 
_pdbx_modification_feature.symmetry 
_pdbx_modification_feature.modified_residue_auth_comp_id 
_pdbx_modification_feature.modified_residue_auth_asym_id 
_pdbx_modification_feature.modified_residue_auth_seq_id 
_pdbx_modification_feature.modified_residue_PDB_ins_code 
_pdbx_modification_feature.modified_residue_symmetry 
_pdbx_modification_feature.comp_id_linking_atom 
_pdbx_modification_feature.modified_residue_id_linking_atom 
_pdbx_modification_feature.modified_residue_id 
_pdbx_modification_feature.ref_pcm_id 
_pdbx_modification_feature.ref_comp_id 
_pdbx_modification_feature.type 
_pdbx_modification_feature.category 
1  AIB A 3  ? .   . . . AIB A 2  ? 1_555 .   . . . .     . . ALA 1  AIB Methylation   'Named protein modification' 
2  AIB A 4  ? .   . . . AIB A 3  ? 1_555 .   . . . .     . . ALA 1  AIB Methylation   'Named protein modification' 
3  AIB A 5  ? .   . . . AIB A 4  ? 1_555 .   . . . .     . . ALA 1  AIB Methylation   'Named protein modification' 
4  AIB A 9  ? .   . . . AIB A 8  ? 1_555 .   . . . .     . . ALA 1  AIB Methylation   'Named protein modification' 
5  AIB A 10 ? .   . . . AIB A 9  ? 1_555 .   . . . .     . . ALA 1  AIB Methylation   'Named protein modification' 
6  HYP A 11 ? .   . . . HYP A 10 ? 1_555 .   . . . .     . . PRO 1  HYP Hydroxylation 'Named protein modification' 
7  HYP A 14 ? .   . . . HYP A 13 ? 1_555 .   . . . .     . . PRO 1  HYP Hydroxylation 'Named protein modification' 
8  AIB A 15 ? .   . . . AIB A 14 ? 1_555 .   . . . .     . . ALA 1  AIB Methylation   'Named protein modification' 
9  PHL A 17 ? .   . . . PHL A 16 ? 1_555 .   . . . .     . . PHE 1  PHL Deoxidation   'Named protein modification' 
10 AIB B 3  ? .   . . . AIB B 2  ? 1_555 .   . . . .     . . ALA 1  AIB Methylation   'Named protein modification' 
11 AIB B 4  ? .   . . . AIB B 3  ? 1_555 .   . . . .     . . ALA 1  AIB Methylation   'Named protein modification' 
12 AIB B 5  ? .   . . . AIB B 4  ? 1_555 .   . . . .     . . ALA 1  AIB Methylation   'Named protein modification' 
13 AIB B 9  ? .   . . . AIB B 8  ? 1_555 .   . . . .     . . ALA 1  AIB Methylation   'Named protein modification' 
14 AIB B 10 ? .   . . . AIB B 9  ? 1_555 .   . . . .     . . ALA 1  AIB Methylation   'Named protein modification' 
15 HYP B 11 ? .   . . . HYP B 10 ? 1_555 .   . . . .     . . PRO 1  HYP Hydroxylation 'Named protein modification' 
16 HYP B 14 ? .   . . . HYP B 13 ? 1_555 .   . . . .     . . PRO 1  HYP Hydroxylation 'Named protein modification' 
17 AIB B 15 ? .   . . . AIB B 14 ? 1_555 .   . . . .     . . ALA 1  AIB Methylation   'Named protein modification' 
18 PHL B 17 ? .   . . . PHL B 16 ? 1_555 .   . . . .     . . PHE 1  PHL Deoxidation   'Named protein modification' 
19 DIV A 6  ? .   . . . DIV A 5  ? 1_555 .   . . . .     . . ?   1  DIV None          'Non-standard residue'       
20 DIV A 13 ? .   . . . DIV A 12 ? 1_555 .   . . . .     . . ?   1  DIV None          'Non-standard residue'       
21 DIV B 6  ? .   . . . DIV B 5  ? 1_555 .   . . . .     . . ?   1  DIV None          'Non-standard residue'       
22 DIV B 13 ? .   . . . DIV B 12 ? 1_555 .   . . . .     . . ?   1  DIV None          'Non-standard residue'       
23 ACE A 1  ? PHE A 2 ? ACE A 0  ? 1_555 PHE A 1 ? 1_555 . . PHE 15 ACE None          'Terminal acetylation'       
24 ACE B 1  ? PHE B 2 ? ACE B 0  ? 1_555 PHE B 1 ? 1_555 . . PHE 15 ACE None          'Terminal acetylation'       
# 
loop_
_struct_site.id 
_struct_site.pdbx_evidence_code 
_struct_site.pdbx_auth_asym_id 
_struct_site.pdbx_auth_comp_id 
_struct_site.pdbx_auth_seq_id 
_struct_site.pdbx_auth_ins_code 
_struct_site.pdbx_num_residues 
_struct_site.details 
AC1 Software ? ? ? ? 9 'BINDING SITE FOR CHAIN A OF ANTIAMOEBIN I' 
AC2 Software ? ? ? ? 9 'BINDING SITE FOR CHAIN B OF ANTIAMOEBIN I' 
# 
loop_
_struct_site_gen.id 
_struct_site_gen.site_id 
_struct_site_gen.pdbx_num_res 
_struct_site_gen.label_comp_id 
_struct_site_gen.label_asym_id 
_struct_site_gen.label_seq_id 
_struct_site_gen.pdbx_auth_ins_code 
_struct_site_gen.auth_comp_id 
_struct_site_gen.auth_asym_id 
_struct_site_gen.auth_seq_id 
_struct_site_gen.label_atom_id 
_struct_site_gen.label_alt_id 
_struct_site_gen.symmetry 
_struct_site_gen.details 
1  AC1 9 PHE B 2  ? PHE B 1  . ? 1_446 ? 
2  AC1 9 PHE B 2  ? PHE B 1  . ? 1_445 ? 
3  AC1 9 GLY B 7  ? GLY B 6  . ? 1_555 ? 
4  AC1 9 LEU B 8  ? LEU B 7  . ? 1_556 ? 
5  AC1 9 AIB B 10 ? AIB B 9  . ? 1_555 ? 
6  AC1 9 HYP B 11 ? HYP B 10 . ? 1_556 ? 
7  AC1 9 HYP B 11 ? HYP B 10 . ? 1_555 ? 
8  AC1 9 GLN B 12 ? GLN B 11 . ? 1_556 ? 
9  AC1 9 PHL B 17 ? PHL B 16 . ? 1_455 ? 
10 AC2 9 DIV A 6  ? DIV A 5  . ? 1_664 ? 
11 AC2 9 GLY A 7  ? GLY A 6  . ? 1_554 ? 
12 AC2 9 LEU A 8  ? LEU A 7  . ? 1_555 ? 
13 AC2 9 AIB A 9  ? AIB A 8  . ? 1_665 ? 
14 AC2 9 AIB A 10 ? AIB A 9  . ? 1_554 ? 
15 AC2 9 HYP A 11 ? HYP A 10 . ? 1_555 ? 
16 AC2 9 HYP A 11 ? HYP A 10 . ? 1_554 ? 
17 AC2 9 GLN A 12 ? GLN A 11 . ? 1_555 ? 
18 AC2 9 PHL A 17 ? PHL A 16 . ? 1_655 ? 
# 
_pdbx_entry_details.entry_id                   1JOH 
_pdbx_entry_details.compound_details           
;ANTIAMOEBIN I IS LINEAR PEPTIDE, A MEMBER OF THE PEPTAIBOL
 FAMILY OF MEMBRANE CHANNEL FORMING PEPTIDES.
 HERE, ANTIAMOEBIN I IS REPRESENTED BY THE SEQUENCE (SEQRES)
;
_pdbx_entry_details.source_details             ? 
_pdbx_entry_details.nonpolymer_details         ? 
_pdbx_entry_details.sequence_details           ? 
_pdbx_entry_details.has_ligand_of_interest     ? 
_pdbx_entry_details.has_protein_modification   Y 
# 
loop_
_pdbx_validate_close_contact.id 
_pdbx_validate_close_contact.PDB_model_num 
_pdbx_validate_close_contact.auth_atom_id_1 
_pdbx_validate_close_contact.auth_asym_id_1 
_pdbx_validate_close_contact.auth_comp_id_1 
_pdbx_validate_close_contact.auth_seq_id_1 
_pdbx_validate_close_contact.PDB_ins_code_1 
_pdbx_validate_close_contact.label_alt_id_1 
_pdbx_validate_close_contact.auth_atom_id_2 
_pdbx_validate_close_contact.auth_asym_id_2 
_pdbx_validate_close_contact.auth_comp_id_2 
_pdbx_validate_close_contact.auth_seq_id_2 
_pdbx_validate_close_contact.PDB_ins_code_2 
_pdbx_validate_close_contact.label_alt_id_2 
_pdbx_validate_close_contact.dist 
1 1 CB B PHL 16 ? ? O B MOH 23 ? ? 0.81 
2 1 CG B PHL 16 ? ? O B MOH 23 ? ? 1.65 
3 1 CA B PHL 16 ? ? O B MOH 23 ? ? 2.17 
# 
loop_
_pdbx_validate_symm_contact.id 
_pdbx_validate_symm_contact.PDB_model_num 
_pdbx_validate_symm_contact.auth_atom_id_1 
_pdbx_validate_symm_contact.auth_asym_id_1 
_pdbx_validate_symm_contact.auth_comp_id_1 
_pdbx_validate_symm_contact.auth_seq_id_1 
_pdbx_validate_symm_contact.PDB_ins_code_1 
_pdbx_validate_symm_contact.label_alt_id_1 
_pdbx_validate_symm_contact.site_symmetry_1 
_pdbx_validate_symm_contact.auth_atom_id_2 
_pdbx_validate_symm_contact.auth_asym_id_2 
_pdbx_validate_symm_contact.auth_comp_id_2 
_pdbx_validate_symm_contact.auth_seq_id_2 
_pdbx_validate_symm_contact.PDB_ins_code_2 
_pdbx_validate_symm_contact.label_alt_id_2 
_pdbx_validate_symm_contact.site_symmetry_2 
_pdbx_validate_symm_contact.dist 
1 1 O A PHL 16 ? ? 1_555 C A MOH 18 ? ? 1_556 1.76 
2 1 O A MOH 27 ? ? 1_555 O B MOH 28 ? ? 1_554 1.99 
3 1 C A PHL 16 ? ? 1_555 C A MOH 18 ? ? 1_556 2.10 
# 
_pdbx_validate_rmsd_angle.id                         1 
_pdbx_validate_rmsd_angle.PDB_model_num              1 
_pdbx_validate_rmsd_angle.auth_atom_id_1             C 
_pdbx_validate_rmsd_angle.auth_asym_id_1             B 
_pdbx_validate_rmsd_angle.auth_comp_id_1             PHE 
_pdbx_validate_rmsd_angle.auth_seq_id_1              1 
_pdbx_validate_rmsd_angle.PDB_ins_code_1             ? 
_pdbx_validate_rmsd_angle.label_alt_id_1             ? 
_pdbx_validate_rmsd_angle.auth_atom_id_2             N 
_pdbx_validate_rmsd_angle.auth_asym_id_2             B 
_pdbx_validate_rmsd_angle.auth_comp_id_2             AIB 
_pdbx_validate_rmsd_angle.auth_seq_id_2              2 
_pdbx_validate_rmsd_angle.PDB_ins_code_2             ? 
_pdbx_validate_rmsd_angle.label_alt_id_2             ? 
_pdbx_validate_rmsd_angle.auth_atom_id_3             CA 
_pdbx_validate_rmsd_angle.auth_asym_id_3             B 
_pdbx_validate_rmsd_angle.auth_comp_id_3             AIB 
_pdbx_validate_rmsd_angle.auth_seq_id_3              2 
_pdbx_validate_rmsd_angle.PDB_ins_code_3             ? 
_pdbx_validate_rmsd_angle.label_alt_id_3             ? 
_pdbx_validate_rmsd_angle.angle_value                142.04 
_pdbx_validate_rmsd_angle.angle_target_value         121.70 
_pdbx_validate_rmsd_angle.angle_deviation            20.34 
_pdbx_validate_rmsd_angle.angle_standard_deviation   2.50 
_pdbx_validate_rmsd_angle.linker_flag                Y 
# 
_pdbx_validate_torsion.id              1 
_pdbx_validate_torsion.PDB_model_num   1 
_pdbx_validate_torsion.auth_comp_id    AIB 
_pdbx_validate_torsion.auth_asym_id    B 
_pdbx_validate_torsion.auth_seq_id     2 
_pdbx_validate_torsion.PDB_ins_code    ? 
_pdbx_validate_torsion.label_alt_id    ? 
_pdbx_validate_torsion.phi             -137.07 
_pdbx_validate_torsion.psi             -53.93 
# 
_pdbx_molecule_features.prd_id    PRD_000161 
_pdbx_molecule_features.name      'Antiamoebin 1' 
_pdbx_molecule_features.type      Peptaibol 
_pdbx_molecule_features.class     Antibiotic 
_pdbx_molecule_features.details   
;ANTIAMOEBIN I IS A HEXADECAMERIC HELICAL PEPTIDE.
 THE N-TERM IS ACETYLATED (RESIDUE 0)
;
# 
loop_
_pdbx_molecule.instance_id 
_pdbx_molecule.prd_id 
_pdbx_molecule.asym_id 
1 PRD_000161 A 
2 PRD_000161 B 
# 
loop_
_chem_comp_atom.comp_id 
_chem_comp_atom.atom_id 
_chem_comp_atom.type_symbol 
_chem_comp_atom.pdbx_aromatic_flag 
_chem_comp_atom.pdbx_stereo_config 
_chem_comp_atom.pdbx_ordinal 
ACE C    C N N 1   
ACE O    O N N 2   
ACE CH3  C N N 3   
ACE H    H N N 4   
ACE H1   H N N 5   
ACE H2   H N N 6   
ACE H3   H N N 7   
AIB N    N N N 8   
AIB CA   C N N 9   
AIB C    C N N 10  
AIB O    O N N 11  
AIB OXT  O N N 12  
AIB CB1  C N N 13  
AIB CB2  C N N 14  
AIB H    H N N 15  
AIB H2   H N N 16  
AIB HXT  H N N 17  
AIB HB11 H N N 18  
AIB HB12 H N N 19  
AIB HB13 H N N 20  
AIB HB21 H N N 21  
AIB HB22 H N N 22  
AIB HB23 H N N 23  
DIV N    N N N 24  
DIV CA   C N R 25  
DIV CB1  C N N 26  
DIV CG1  C N N 27  
DIV CB2  C N N 28  
DIV C    C N N 29  
DIV O    O N N 30  
DIV OXT  O N N 31  
DIV H    H N N 32  
DIV H2   H N N 33  
DIV HB11 H N N 34  
DIV HB12 H N N 35  
DIV HG11 H N N 36  
DIV HG12 H N N 37  
DIV HG13 H N N 38  
DIV HB21 H N N 39  
DIV HB22 H N N 40  
DIV HB23 H N N 41  
DIV HXT  H N N 42  
GLN N    N N N 43  
GLN CA   C N S 44  
GLN C    C N N 45  
GLN O    O N N 46  
GLN CB   C N N 47  
GLN CG   C N N 48  
GLN CD   C N N 49  
GLN OE1  O N N 50  
GLN NE2  N N N 51  
GLN OXT  O N N 52  
GLN H    H N N 53  
GLN H2   H N N 54  
GLN HA   H N N 55  
GLN HB2  H N N 56  
GLN HB3  H N N 57  
GLN HG2  H N N 58  
GLN HG3  H N N 59  
GLN HE21 H N N 60  
GLN HE22 H N N 61  
GLN HXT  H N N 62  
GLY N    N N N 63  
GLY CA   C N N 64  
GLY C    C N N 65  
GLY O    O N N 66  
GLY OXT  O N N 67  
GLY H    H N N 68  
GLY H2   H N N 69  
GLY HA2  H N N 70  
GLY HA3  H N N 71  
GLY HXT  H N N 72  
HYP N    N N N 73  
HYP CA   C N S 74  
HYP C    C N N 75  
HYP O    O N N 76  
HYP CB   C N N 77  
HYP CG   C N R 78  
HYP CD   C N N 79  
HYP OD1  O N N 80  
HYP OXT  O N N 81  
HYP H    H N N 82  
HYP HA   H N N 83  
HYP HB2  H N N 84  
HYP HB3  H N N 85  
HYP HG   H N N 86  
HYP HD22 H N N 87  
HYP HD23 H N N 88  
HYP HD1  H N N 89  
HYP HXT  H N N 90  
LEU N    N N N 91  
LEU CA   C N S 92  
LEU C    C N N 93  
LEU O    O N N 94  
LEU CB   C N N 95  
LEU CG   C N N 96  
LEU CD1  C N N 97  
LEU CD2  C N N 98  
LEU OXT  O N N 99  
LEU H    H N N 100 
LEU H2   H N N 101 
LEU HA   H N N 102 
LEU HB2  H N N 103 
LEU HB3  H N N 104 
LEU HG   H N N 105 
LEU HD11 H N N 106 
LEU HD12 H N N 107 
LEU HD13 H N N 108 
LEU HD21 H N N 109 
LEU HD22 H N N 110 
LEU HD23 H N N 111 
LEU HXT  H N N 112 
MOH C    C N N 113 
MOH O    O N N 114 
MOH H1   H N N 115 
MOH H2   H N N 116 
MOH H3   H N N 117 
MOH HO   H N N 118 
PHE N    N N N 119 
PHE CA   C N S 120 
PHE C    C N N 121 
PHE O    O N N 122 
PHE CB   C N N 123 
PHE CG   C Y N 124 
PHE CD1  C Y N 125 
PHE CD2  C Y N 126 
PHE CE1  C Y N 127 
PHE CE2  C Y N 128 
PHE CZ   C Y N 129 
PHE OXT  O N N 130 
PHE H    H N N 131 
PHE H2   H N N 132 
PHE HA   H N N 133 
PHE HB2  H N N 134 
PHE HB3  H N N 135 
PHE HD1  H N N 136 
PHE HD2  H N N 137 
PHE HE1  H N N 138 
PHE HE2  H N N 139 
PHE HZ   H N N 140 
PHE HXT  H N N 141 
PHL N    N N N 142 
PHL CA   C N S 143 
PHL C    C N N 144 
PHL O    O N N 145 
PHL CB   C N N 146 
PHL CG   C Y N 147 
PHL CD1  C Y N 148 
PHL CD2  C Y N 149 
PHL CE1  C Y N 150 
PHL CE2  C Y N 151 
PHL CZ   C Y N 152 
PHL H    H N N 153 
PHL H2   H N N 154 
PHL HA   H N N 155 
PHL HC1  H N N 156 
PHL HC2  H N N 157 
PHL HO   H N N 158 
PHL HB2  H N N 159 
PHL HB3  H N N 160 
PHL HD1  H N N 161 
PHL HD2  H N N 162 
PHL HE1  H N N 163 
PHL HE2  H N N 164 
PHL HZ   H N N 165 
PRO N    N N N 166 
PRO CA   C N S 167 
PRO C    C N N 168 
PRO O    O N N 169 
PRO CB   C N N 170 
PRO CG   C N N 171 
PRO CD   C N N 172 
PRO OXT  O N N 173 
PRO H    H N N 174 
PRO HA   H N N 175 
PRO HB2  H N N 176 
PRO HB3  H N N 177 
PRO HG2  H N N 178 
PRO HG3  H N N 179 
PRO HD2  H N N 180 
PRO HD3  H N N 181 
PRO HXT  H N N 182 
# 
loop_
_chem_comp_bond.comp_id 
_chem_comp_bond.atom_id_1 
_chem_comp_bond.atom_id_2 
_chem_comp_bond.value_order 
_chem_comp_bond.pdbx_aromatic_flag 
_chem_comp_bond.pdbx_stereo_config 
_chem_comp_bond.pdbx_ordinal 
ACE C   O    doub N N 1   
ACE C   CH3  sing N N 2   
ACE C   H    sing N N 3   
ACE CH3 H1   sing N N 4   
ACE CH3 H2   sing N N 5   
ACE CH3 H3   sing N N 6   
AIB N   CA   sing N N 7   
AIB N   H    sing N N 8   
AIB N   H2   sing N N 9   
AIB CA  C    sing N N 10  
AIB CA  CB1  sing N N 11  
AIB CA  CB2  sing N N 12  
AIB C   O    doub N N 13  
AIB C   OXT  sing N N 14  
AIB OXT HXT  sing N N 15  
AIB CB1 HB11 sing N N 16  
AIB CB1 HB12 sing N N 17  
AIB CB1 HB13 sing N N 18  
AIB CB2 HB21 sing N N 19  
AIB CB2 HB22 sing N N 20  
AIB CB2 HB23 sing N N 21  
DIV N   CA   sing N N 22  
DIV N   H    sing N N 23  
DIV N   H2   sing N N 24  
DIV CA  CB1  sing N N 25  
DIV CA  CB2  sing N N 26  
DIV CA  C    sing N N 27  
DIV CB1 CG1  sing N N 28  
DIV CB1 HB11 sing N N 29  
DIV CB1 HB12 sing N N 30  
DIV CG1 HG11 sing N N 31  
DIV CG1 HG12 sing N N 32  
DIV CG1 HG13 sing N N 33  
DIV CB2 HB21 sing N N 34  
DIV CB2 HB22 sing N N 35  
DIV CB2 HB23 sing N N 36  
DIV C   O    doub N N 37  
DIV C   OXT  sing N N 38  
DIV OXT HXT  sing N N 39  
GLN N   CA   sing N N 40  
GLN N   H    sing N N 41  
GLN N   H2   sing N N 42  
GLN CA  C    sing N N 43  
GLN CA  CB   sing N N 44  
GLN CA  HA   sing N N 45  
GLN C   O    doub N N 46  
GLN C   OXT  sing N N 47  
GLN CB  CG   sing N N 48  
GLN CB  HB2  sing N N 49  
GLN CB  HB3  sing N N 50  
GLN CG  CD   sing N N 51  
GLN CG  HG2  sing N N 52  
GLN CG  HG3  sing N N 53  
GLN CD  OE1  doub N N 54  
GLN CD  NE2  sing N N 55  
GLN NE2 HE21 sing N N 56  
GLN NE2 HE22 sing N N 57  
GLN OXT HXT  sing N N 58  
GLY N   CA   sing N N 59  
GLY N   H    sing N N 60  
GLY N   H2   sing N N 61  
GLY CA  C    sing N N 62  
GLY CA  HA2  sing N N 63  
GLY CA  HA3  sing N N 64  
GLY C   O    doub N N 65  
GLY C   OXT  sing N N 66  
GLY OXT HXT  sing N N 67  
HYP N   CA   sing N N 68  
HYP N   CD   sing N N 69  
HYP N   H    sing N N 70  
HYP CA  C    sing N N 71  
HYP CA  CB   sing N N 72  
HYP CA  HA   sing N N 73  
HYP C   O    doub N N 74  
HYP C   OXT  sing N N 75  
HYP CB  CG   sing N N 76  
HYP CB  HB2  sing N N 77  
HYP CB  HB3  sing N N 78  
HYP CG  CD   sing N N 79  
HYP CG  OD1  sing N N 80  
HYP CG  HG   sing N N 81  
HYP CD  HD22 sing N N 82  
HYP CD  HD23 sing N N 83  
HYP OD1 HD1  sing N N 84  
HYP OXT HXT  sing N N 85  
LEU N   CA   sing N N 86  
LEU N   H    sing N N 87  
LEU N   H2   sing N N 88  
LEU CA  C    sing N N 89  
LEU CA  CB   sing N N 90  
LEU CA  HA   sing N N 91  
LEU C   O    doub N N 92  
LEU C   OXT  sing N N 93  
LEU CB  CG   sing N N 94  
LEU CB  HB2  sing N N 95  
LEU CB  HB3  sing N N 96  
LEU CG  CD1  sing N N 97  
LEU CG  CD2  sing N N 98  
LEU CG  HG   sing N N 99  
LEU CD1 HD11 sing N N 100 
LEU CD1 HD12 sing N N 101 
LEU CD1 HD13 sing N N 102 
LEU CD2 HD21 sing N N 103 
LEU CD2 HD22 sing N N 104 
LEU CD2 HD23 sing N N 105 
LEU OXT HXT  sing N N 106 
MOH C   O    sing N N 107 
MOH C   H1   sing N N 108 
MOH C   H2   sing N N 109 
MOH C   H3   sing N N 110 
MOH O   HO   sing N N 111 
PHE N   CA   sing N N 112 
PHE N   H    sing N N 113 
PHE N   H2   sing N N 114 
PHE CA  C    sing N N 115 
PHE CA  CB   sing N N 116 
PHE CA  HA   sing N N 117 
PHE C   O    doub N N 118 
PHE C   OXT  sing N N 119 
PHE CB  CG   sing N N 120 
PHE CB  HB2  sing N N 121 
PHE CB  HB3  sing N N 122 
PHE CG  CD1  doub Y N 123 
PHE CG  CD2  sing Y N 124 
PHE CD1 CE1  sing Y N 125 
PHE CD1 HD1  sing N N 126 
PHE CD2 CE2  doub Y N 127 
PHE CD2 HD2  sing N N 128 
PHE CE1 CZ   doub Y N 129 
PHE CE1 HE1  sing N N 130 
PHE CE2 CZ   sing Y N 131 
PHE CE2 HE2  sing N N 132 
PHE CZ  HZ   sing N N 133 
PHE OXT HXT  sing N N 134 
PHL N   CA   sing N N 135 
PHL N   H    sing N N 136 
PHL N   H2   sing N N 137 
PHL CA  C    sing N N 138 
PHL CA  CB   sing N N 139 
PHL CA  HA   sing N N 140 
PHL C   O    sing N N 141 
PHL C   HC1  sing N N 142 
PHL C   HC2  sing N N 143 
PHL O   HO   sing N N 144 
PHL CB  CG   sing N N 145 
PHL CB  HB2  sing N N 146 
PHL CB  HB3  sing N N 147 
PHL CG  CD1  doub Y N 148 
PHL CG  CD2  sing Y N 149 
PHL CD1 CE1  sing Y N 150 
PHL CD1 HD1  sing N N 151 
PHL CD2 CE2  doub Y N 152 
PHL CD2 HD2  sing N N 153 
PHL CE1 CZ   doub Y N 154 
PHL CE1 HE1  sing N N 155 
PHL CE2 CZ   sing Y N 156 
PHL CE2 HE2  sing N N 157 
PHL CZ  HZ   sing N N 158 
PRO N   CA   sing N N 159 
PRO N   CD   sing N N 160 
PRO N   H    sing N N 161 
PRO CA  C    sing N N 162 
PRO CA  CB   sing N N 163 
PRO CA  HA   sing N N 164 
PRO C   O    doub N N 165 
PRO C   OXT  sing N N 166 
PRO CB  CG   sing N N 167 
PRO CB  HB2  sing N N 168 
PRO CB  HB3  sing N N 169 
PRO CG  CD   sing N N 170 
PRO CG  HG2  sing N N 171 
PRO CG  HG3  sing N N 172 
PRO CD  HD2  sing N N 173 
PRO CD  HD3  sing N N 174 
PRO OXT HXT  sing N N 175 
# 
_pdbx_initial_refinement_model.accession_code   ? 
_pdbx_initial_refinement_model.id               1 
_pdbx_initial_refinement_model.entity_id_list   ? 
_pdbx_initial_refinement_model.type             'experimental model' 
_pdbx_initial_refinement_model.source_name      Other 
_pdbx_initial_refinement_model.details          
'RESIDUES 6 - 16 OF LEU1-ZERVAMICIN WITH ALL NON -EQUIVALENT SIDE-CHAINS TRIMMED TO ALA.' 
# 
_atom_sites.entry_id                    1JOH 
_atom_sites.fract_transf_matrix[1][1]   -0.00482225 
_atom_sites.fract_transf_matrix[1][2]   0.04445422 
_atom_sites.fract_transf_matrix[1][3]   -0.00968975 
_atom_sites.fract_transf_matrix[2][1]   -0.03150452 
_atom_sites.fract_transf_matrix[2][2]   0.01571148 
_atom_sites.fract_transf_matrix[2][3]   -0.02261506 
_atom_sites.fract_transf_matrix[3][1]   -0.05900969 
_atom_sites.fract_transf_matrix[3][2]   0.02773198 
_atom_sites.fract_transf_matrix[3][3]   0.09018765 
_atom_sites.fract_transf_vector[1]      0.427377 
_atom_sites.fract_transf_vector[2]      0.488399 
_atom_sites.fract_transf_vector[3]      0.726415 
# 
loop_
_atom_type.symbol 
C 
N 
O 
# 
loop_
_atom_site.group_PDB 
_atom_site.id 
_atom_site.type_symbol 
_atom_site.label_atom_id 
_atom_site.label_alt_id 
_atom_site.label_comp_id 
_atom_site.label_asym_id 
_atom_site.label_entity_id 
_atom_site.label_seq_id 
_atom_site.pdbx_PDB_ins_code 
_atom_site.Cartn_x 
_atom_site.Cartn_y 
_atom_site.Cartn_z 
_atom_site.occupancy 
_atom_site.B_iso_or_equiv 
_atom_site.pdbx_formal_charge 
_atom_site.auth_seq_id 
_atom_site.auth_comp_id 
_atom_site.auth_asym_id 
_atom_site.auth_atom_id 
_atom_site.pdbx_PDB_model_num 
HETATM 1   C C   . ACE A 1 1  ? 10.538  -5.146  8.758   1.00 8.83  ? 0  ACE A C   1 
HETATM 2   O O   . ACE A 1 1  ? 11.751  -4.712  8.464   1.00 22.92 ? 0  ACE A O   1 
HETATM 3   C CH3 . ACE A 1 1  ? 9.708   -5.208  7.923   1.00 4.21  ? 0  ACE A CH3 1 
ATOM   4   N N   . PHE A 1 2  ? 10.375  -5.547  10.028  1.00 7.96  ? 1  PHE A N   1 
ATOM   5   C CA  . PHE A 1 2  ? 9.094   -6.144  10.456  1.00 7.17  ? 1  PHE A CA  1 
ATOM   6   C C   . PHE A 1 2  ? 7.944   -5.185  10.288  1.00 6.64  ? 1  PHE A C   1 
ATOM   7   O O   . PHE A 1 2  ? 6.962   -5.545  9.568   1.00 7.33  ? 1  PHE A O   1 
ATOM   8   C CB  . PHE A 1 2  ? 9.247   -6.571  11.927  1.00 8.33  ? 1  PHE A CB  1 
ATOM   9   C CG  . PHE A 1 2  ? 8.016   -7.299  12.473  1.00 8.62  ? 1  PHE A CG  1 
ATOM   10  C CD1 . PHE A 1 2  ? 7.903   -8.665  12.290  1.00 11.83 ? 1  PHE A CD1 1 
ATOM   11  C CD2 . PHE A 1 2  ? 7.053   -6.601  13.190  1.00 10.07 ? 1  PHE A CD2 1 
ATOM   12  C CE1 . PHE A 1 2  ? 6.820   -9.366  12.830  1.00 11.43 ? 1  PHE A CE1 1 
ATOM   13  C CE2 . PHE A 1 2  ? 5.951   -7.296  13.678  1.00 12.54 ? 1  PHE A CE2 1 
ATOM   14  C CZ  . PHE A 1 2  ? 5.861   -8.659  13.511  1.00 10.36 ? 1  PHE A CZ  1 
HETATM 15  N N   . AIB A 1 3  ? 7.970   -4.004  10.879  1.00 6.21  ? 2  AIB A N   1 
HETATM 16  C CA  . AIB A 1 3  ? 6.879   -3.037  10.728  1.00 7.61  ? 2  AIB A CA  1 
HETATM 17  C C   . AIB A 1 3  ? 6.630   -2.745  9.245   1.00 8.28  ? 2  AIB A C   1 
HETATM 18  O O   . AIB A 1 3  ? 5.476   -2.688  8.778   1.00 8.19  ? 2  AIB A O   1 
HETATM 19  C CB1 . AIB A 1 3  ? 7.273   -1.693  11.374  1.00 10.28 ? 2  AIB A CB1 1 
HETATM 20  C CB2 . AIB A 1 3  ? 5.625   -3.580  11.430  1.00 7.96  ? 2  AIB A CB2 1 
HETATM 21  N N   . AIB A 1 4  ? 7.722   -2.512  8.514   1.00 7.79  ? 3  AIB A N   1 
HETATM 22  C CA  . AIB A 1 4  ? 7.639   -2.166  7.094   1.00 7.70  ? 3  AIB A CA  1 
HETATM 23  C C   . AIB A 1 4  ? 6.873   -3.190  6.283   1.00 7.96  ? 3  AIB A C   1 
HETATM 24  O O   . AIB A 1 4  ? 6.064   -2.867  5.389   1.00 8.35  ? 3  AIB A O   1 
HETATM 25  C CB1 . AIB A 1 4  ? 9.095   -2.145  6.511   1.00 10.30 ? 3  AIB A CB1 1 
HETATM 26  C CB2 . AIB A 1 4  ? 7.047   -0.763  6.937   1.00 8.15  ? 3  AIB A CB2 1 
HETATM 27  N N   . AIB A 1 5  ? 7.093   -4.450  6.569   1.00 6.27  ? 4  AIB A N   1 
HETATM 28  C CA  . AIB A 1 5  ? 6.439   -5.536  5.842   1.00 6.89  ? 4  AIB A CA  1 
HETATM 29  C C   . AIB A 1 5  ? 4.931   -5.330  5.838   1.00 7.88  ? 4  AIB A C   1 
HETATM 30  O O   . AIB A 1 5  ? 4.279   -5.315  4.799   1.00 8.54  ? 4  AIB A O   1 
HETATM 31  C CB1 . AIB A 1 5  ? 6.782   -6.866  6.518   1.00 8.47  ? 4  AIB A CB1 1 
HETATM 32  C CB2 . AIB A 1 5  ? 6.938   -5.569  4.381   1.00 9.23  ? 4  AIB A CB2 1 
HETATM 33  N N   . DIV A 1 6  ? 4.411   -5.111  7.057   1.00 7.12  ? 5  DIV A N   1 
HETATM 34  C CA  . DIV A 1 6  ? 2.989   -4.885  7.262   1.00 7.05  ? 5  DIV A CA  1 
HETATM 35  C CB1 . DIV A 1 6  ? 2.194   -6.116  6.804   1.00 9.23  ? 5  DIV A CB1 1 
HETATM 36  C CG1 . DIV A 1 6  ? 0.797   -6.201  7.372   1.00 25.33 ? 5  DIV A CG1 1 
HETATM 37  C CB2 . DIV A 1 6  ? 2.790   -4.637  8.799   1.00 8.89  ? 5  DIV A CB2 1 
HETATM 38  C C   . DIV A 1 6  ? 2.490   -3.690  6.511   1.00 5.89  ? 5  DIV A C   1 
HETATM 39  O O   . DIV A 1 6  ? 1.465   -3.653  5.816   1.00 8.17  ? 5  DIV A O   1 
ATOM   40  N N   . GLY A 1 7  ? 3.192   -2.567  6.667   1.00 6.19  ? 6  GLY A N   1 
ATOM   41  C CA  . GLY A 1 7  ? 2.787   -1.277  6.136   1.00 7.19  ? 6  GLY A CA  1 
ATOM   42  C C   . GLY A 1 7  ? 2.764   -1.215  4.632   1.00 5.35  ? 6  GLY A C   1 
ATOM   43  O O   . GLY A 1 7  ? 1.890   -0.614  4.019   1.00 7.75  ? 6  GLY A O   1 
ATOM   44  N N   . LEU A 1 8  ? 3.751   -1.839  4.010   1.00 5.64  ? 7  LEU A N   1 
ATOM   45  C CA  . LEU A 1 8  ? 3.858   -1.791  2.541   1.00 6.70  ? 7  LEU A CA  1 
ATOM   46  C C   . LEU A 1 8  ? 2.858   -2.718  1.895   1.00 6.54  ? 7  LEU A C   1 
ATOM   47  O O   . LEU A 1 8  ? 2.272   -2.326  0.851   1.00 7.30  ? 7  LEU A O   1 
ATOM   48  C CB  . LEU A 1 8  ? 5.294   -2.081  2.121   1.00 7.21  ? 7  LEU A CB  1 
ATOM   49  C CG  . LEU A 1 8  ? 6.356   -1.120  2.652   1.00 7.63  ? 7  LEU A CG  1 
ATOM   50  C CD1 . LEU A 1 8  ? 7.763   -1.572  2.247   1.00 11.77 ? 7  LEU A CD1 1 
ATOM   51  C CD2 . LEU A 1 8  ? 6.134   0.304   2.116   1.00 16.31 ? 7  LEU A CD2 1 
HETATM 52  N N   . AIB A 1 9  ? 2.603   -3.897  2.431   1.00 4.35  ? 8  AIB A N   1 
HETATM 53  C CA  . AIB A 1 9  ? 1.586   -4.817  1.950   1.00 5.85  ? 8  AIB A CA  1 
HETATM 54  C C   . AIB A 1 9  ? 0.176   -4.276  2.137   1.00 5.94  ? 8  AIB A C   1 
HETATM 55  O O   . AIB A 1 9  ? -0.738  -4.613  1.372   1.00 6.16  ? 8  AIB A O   1 
HETATM 56  C CB1 . AIB A 1 9  ? 1.629   -6.109  2.845   1.00 6.76  ? 8  AIB A CB1 1 
HETATM 57  C CB2 . AIB A 1 9  ? 1.814   -5.253  0.498   1.00 8.38  ? 8  AIB A CB2 1 
HETATM 58  N N   . AIB A 1 10 ? 0.003   -3.550  3.247   1.00 5.08  ? 9  AIB A N   1 
HETATM 59  C CA  . AIB A 1 10 ? -1.347  -3.294  3.789   1.00 4.94  ? 9  AIB A CA  1 
HETATM 60  C C   . AIB A 1 10 ? -2.365  -2.854  2.785   1.00 6.40  ? 9  AIB A C   1 
HETATM 61  O O   . AIB A 1 10 ? -3.511  -3.343  2.769   1.00 5.57  ? 9  AIB A O   1 
HETATM 62  C CB1 . AIB A 1 10 ? -1.267  -2.244  4.905   1.00 7.11  ? 9  AIB A CB1 1 
HETATM 63  C CB2 . AIB A 1 10 ? -1.802  -4.667  4.412   1.00 7.37  ? 9  AIB A CB2 1 
HETATM 64  N N   . HYP A 1 11 ? -2.097  -1.886  1.927   1.00 4.40  ? 10 HYP A N   1 
HETATM 65  C CA  . HYP A 1 11 ? -3.120  -1.387  1.019   1.00 6.09  ? 10 HYP A CA  1 
HETATM 66  C C   . HYP A 1 11 ? -3.549  -2.434  0.016   1.00 5.05  ? 10 HYP A C   1 
HETATM 67  O O   . HYP A 1 11 ? -4.613  -2.185  -0.632  1.00 8.19  ? 10 HYP A O   1 
HETATM 68  C CB  . HYP A 1 11 ? -2.457  -0.201  0.307   1.00 7.19  ? 10 HYP A CB  1 
HETATM 69  C CG  . HYP A 1 11 ? -1.298  0.178   1.173   1.00 5.68  ? 10 HYP A CG  1 
HETATM 70  C CD  . HYP A 1 11 ? -0.820  -1.137  1.784   1.00 5.74  ? 10 HYP A CD  1 
HETATM 71  O OD1 . HYP A 1 11 ? -1.722  1.019   2.266   1.00 5.58  ? 10 HYP A OD1 1 
ATOM   72  N N   . GLN A 1 12 ? -2.825  -3.504  -0.180  1.00 3.92  ? 11 GLN A N   1 
ATOM   73  C CA  . GLN A 1 12 ? -3.180  -4.505  -1.176  1.00 5.80  ? 11 GLN A CA  1 
ATOM   74  C C   . GLN A 1 12 ? -4.075  -5.586  -0.584  1.00 7.39  ? 11 GLN A C   1 
ATOM   75  O O   . GLN A 1 12 ? -4.723  -6.340  -1.323  1.00 7.66  ? 11 GLN A O   1 
ATOM   76  C CB  . GLN A 1 12 ? -1.944  -5.179  -1.775  1.00 5.53  ? 11 GLN A CB  1 
ATOM   77  C CG  . GLN A 1 12 ? -0.901  -4.195  -2.258  1.00 5.88  ? 11 GLN A CG  1 
ATOM   78  C CD  . GLN A 1 12 ? -1.435  -3.049  -3.051  1.00 7.55  ? 11 GLN A CD  1 
ATOM   79  O OE1 . GLN A 1 12 ? -0.941  -1.858  -2.911  1.00 10.44 ? 11 GLN A OE1 1 
ATOM   80  N NE2 . GLN A 1 12 ? -2.376  -3.233  -3.898  1.00 6.08  ? 11 GLN A NE2 1 
HETATM 81  N N   . DIV A 1 13 ? -4.157  -5.641  0.749   1.00 6.43  ? 12 DIV A N   1 
HETATM 82  C CA  . DIV A 1 13 ? -4.891  -6.705  1.439   1.00 7.28  ? 12 DIV A CA  1 
HETATM 83  C CB1 . DIV A 1 13 ? -4.181  -8.042  1.254   1.00 8.98  ? 12 DIV A CB1 1 
HETATM 84  C CG1 . DIV A 1 13 ? -2.749  -8.061  1.758   1.00 13.62 ? 12 DIV A CG1 1 
HETATM 85  C CB2 . DIV A 1 13 ? -4.927  -6.316  2.963   1.00 9.55  ? 12 DIV A CB2 1 
HETATM 86  C C   . DIV A 1 13 ? -6.318  -6.903  1.001   1.00 7.72  ? 12 DIV A C   1 
HETATM 87  O O   . DIV A 1 13 ? -6.809  -8.050  1.018   1.00 8.18  ? 12 DIV A O   1 
HETATM 88  N N   . HYP A 1 14 ? -7.064  -5.882  0.654   1.00 6.35  ? 13 HYP A N   1 
HETATM 89  C CA  . HYP A 1 14 ? -8.469  -6.067  0.255   1.00 8.98  ? 13 HYP A CA  1 
HETATM 90  C C   . HYP A 1 14 ? -8.678  -6.780  -1.064  1.00 9.98  ? 13 HYP A C   1 
HETATM 91  O O   . HYP A 1 14 ? -9.843  -7.161  -1.344  1.00 8.86  ? 13 HYP A O   1 
HETATM 92  C CB  . HYP A 1 14 ? -9.049  -4.662  0.183   1.00 9.83  ? 13 HYP A CB  1 
HETATM 93  C CG  . HYP A 1 14 ? -8.142  -3.866  1.130   1.00 10.14 ? 13 HYP A CG  1 
HETATM 94  C CD  . HYP A 1 14 ? -6.769  -4.426  0.830   1.00 9.14  ? 13 HYP A CD  1 
HETATM 95  O OD1 . HYP A 1 14 ? -8.559  -4.118  2.476   1.00 9.64  ? 13 HYP A OD1 1 
HETATM 96  N N   . AIB A 1 15 ? -7.678  -6.834  -1.928  1.00 8.32  ? 14 AIB A N   1 
HETATM 97  C CA  . AIB A 1 15 ? -7.897  -7.330  -3.302  1.00 9.38  ? 14 AIB A CA  1 
HETATM 98  C C   . AIB A 1 15 ? -8.700  -8.601  -3.405  1.00 7.17  ? 14 AIB A C   1 
HETATM 99  O O   . AIB A 1 15 ? -9.544  -8.718  -4.332  1.00 9.81  ? 14 AIB A O   1 
HETATM 100 C CB1 . AIB A 1 15 ? -6.551  -7.585  -3.971  1.00 11.12 ? 14 AIB A CB1 1 
HETATM 101 C CB2 . AIB A 1 15 ? -8.633  -6.182  -4.065  1.00 11.85 ? 14 AIB A CB2 1 
ATOM   102 N N   . PRO A 1 16 ? -8.453  -9.644  -2.653  1.00 6.27  ? 15 PRO A N   1 
ATOM   103 C CA  . PRO A 1 16 ? -9.211  -10.891 -2.882  1.00 7.12  ? 15 PRO A CA  1 
ATOM   104 C C   . PRO A 1 16 ? -10.650 -10.795 -2.349  1.00 7.10  ? 15 PRO A C   1 
ATOM   105 O O   . PRO A 1 16 ? -11.448 -11.676 -2.711  1.00 8.18  ? 15 PRO A O   1 
ATOM   106 C CB  . PRO A 1 16 ? -8.461  -11.924 -2.056  1.00 12.38 ? 15 PRO A CB  1 
ATOM   107 C CG  . PRO A 1 16 ? -7.412  -11.238 -1.308  1.00 15.47 ? 15 PRO A CG  1 
ATOM   108 C CD  . PRO A 1 16 ? -7.415  -9.812  -1.614  1.00 8.76  ? 15 PRO A CD  1 
HETATM 109 N N   . PHL A 1 17 ? -10.950 -9.851  -1.484  1.00 8.43  ? 16 PHL A N   1 
HETATM 110 C CA  . PHL A 1 17 ? -12.274 -9.773  -0.829  1.00 7.79  ? 16 PHL A CA  1 
HETATM 111 C C   . PHL A 1 17 ? -13.176 -8.844  -1.617  1.00 9.22  ? 16 PHL A C   1 
HETATM 112 O O   . PHL A 1 17 ? -14.488 -8.966  -1.164  1.00 10.13 ? 16 PHL A O   1 
HETATM 113 C CB  . PHL A 1 17 ? -12.056 -9.284  0.604   1.00 9.14  ? 16 PHL A CB  1 
HETATM 114 C CG  . PHL A 1 17 ? -11.247 -10.216 1.450   1.00 10.68 ? 16 PHL A CG  1 
HETATM 115 C CD1 . PHL A 1 17 ? -11.780 -11.404 1.930   1.00 14.34 ? 16 PHL A CD1 1 
HETATM 116 C CD2 . PHL A 1 17 ? -9.912  -9.937  1.735   1.00 13.72 ? 16 PHL A CD2 1 
HETATM 117 C CE1 . PHL A 1 17 ? -11.034 -12.290 2.672   1.00 15.62 ? 16 PHL A CE1 1 
HETATM 118 C CE2 . PHL A 1 17 ? -9.166  -10.791 2.508   1.00 16.10 ? 16 PHL A CE2 1 
HETATM 119 C CZ  . PHL A 1 17 ? -9.714  -11.959 2.993   1.00 14.97 ? 16 PHL A CZ  1 
HETATM 120 C C   . ACE B 1 1  ? -9.390  4.572   -11.088 1.00 24.85 ? 0  ACE B C   1 
HETATM 121 O O   . ACE B 1 1  ? -9.953  3.873   -11.980 1.00 29.42 ? 0  ACE B O   1 
HETATM 122 C CH3 . ACE B 1 1  ? -8.208  4.304   -10.604 1.00 10.13 ? 0  ACE B CH3 1 
ATOM   123 N N   . PHE B 1 2  ? -10.005 5.629   -10.557 1.00 28.86 ? 1  PHE B N   1 
ATOM   124 C CA  . PHE B 1 2  ? -9.425  6.386   -9.466  1.00 34.44 ? 1  PHE B CA  1 
ATOM   125 C C   . PHE B 1 2  ? -9.839  5.944   -8.074  1.00 33.73 ? 1  PHE B C   1 
ATOM   126 O O   . PHE B 1 2  ? -10.300 6.815   -7.284  1.00 45.01 ? 1  PHE B O   1 
ATOM   127 C CB  . PHE B 1 2  ? -9.559  7.872   -9.710  1.00 42.04 ? 1  PHE B CB  1 
ATOM   128 C CG  . PHE B 1 2  ? -9.778  8.230   -11.182 1.00 45.62 ? 1  PHE B CG  1 
ATOM   129 C CD1 . PHE B 1 2  ? -8.704  8.364   -12.042 1.00 48.24 ? 1  PHE B CD1 1 
ATOM   130 C CD2 . PHE B 1 2  ? -11.054 8.396   -11.684 1.00 46.77 ? 1  PHE B CD2 1 
ATOM   131 C CE1 . PHE B 1 2  ? -8.906  8.703   -13.371 1.00 50.12 ? 1  PHE B CE1 1 
ATOM   132 C CE2 . PHE B 1 2  ? -11.274 8.698   -13.016 1.00 45.36 ? 1  PHE B CE2 1 
ATOM   133 C CZ  . PHE B 1 2  ? -10.190 8.866   -13.865 1.00 48.80 ? 1  PHE B CZ  1 
HETATM 134 N N   . AIB B 1 3  ? -9.691  4.704   -7.756  1.00 28.84 ? 2  AIB B N   1 
HETATM 135 C CA  . AIB B 1 3  ? -9.802  3.818   -6.673  1.00 30.29 ? 2  AIB B CA  1 
HETATM 136 C C   . AIB B 1 3  ? -8.560  2.864   -6.690  1.00 27.68 ? 2  AIB B C   1 
HETATM 137 O O   . AIB B 1 3  ? -7.772  2.859   -5.772  1.00 31.21 ? 2  AIB B O   1 
HETATM 138 C CB1 . AIB B 1 3  ? -11.032 2.889   -6.773  1.00 39.62 ? 2  AIB B CB1 1 
HETATM 139 C CB2 . AIB B 1 3  ? -9.793  4.512   -5.308  1.00 39.95 ? 2  AIB B CB2 1 
HETATM 140 N N   . AIB B 1 4  ? -8.431  2.268   -7.863  1.00 21.13 ? 3  AIB B N   1 
HETATM 141 C CA  . AIB B 1 4  ? -7.229  1.493   -8.160  1.00 26.81 ? 3  AIB B CA  1 
HETATM 142 C C   . AIB B 1 4  ? -6.014  2.428   -7.973  1.00 26.03 ? 3  AIB B C   1 
HETATM 143 O O   . AIB B 1 4  ? -4.983  2.023   -7.484  1.00 23.45 ? 3  AIB B O   1 
HETATM 144 C CB1 . AIB B 1 4  ? -7.266  1.095   -9.647  1.00 25.87 ? 3  AIB B CB1 1 
HETATM 145 C CB2 . AIB B 1 4  ? -7.096  0.300   -7.246  1.00 29.60 ? 3  AIB B CB2 1 
HETATM 146 N N   . AIB B 1 5  ? -6.207  3.679   -8.460  1.00 17.16 ? 4  AIB B N   1 
HETATM 147 C CA  . AIB B 1 5  ? -5.026  4.544   -8.480  1.00 15.10 ? 4  AIB B CA  1 
HETATM 148 C C   . AIB B 1 5  ? -4.423  4.696   -7.095  1.00 9.75  ? 4  AIB B C   1 
HETATM 149 O O   . AIB B 1 5  ? -3.211  4.457   -6.896  1.00 10.68 ? 4  AIB B O   1 
HETATM 150 C CB1 . AIB B 1 5  ? -5.367  5.896   -9.079  1.00 14.02 ? 4  AIB B CB1 1 
HETATM 151 C CB2 . AIB B 1 5  ? -3.980  3.826   -9.401  1.00 19.92 ? 4  AIB B CB2 1 
HETATM 152 N N   . DIV B 1 6  ? -5.229  5.117   -6.134  1.00 7.57  ? 5  DIV B N   1 
HETATM 153 C CA  . DIV B 1 6  ? -4.793  5.374   -4.787  1.00 8.21  ? 5  DIV B CA  1 
HETATM 154 C CB1 . DIV B 1 6  ? -3.877  6.578   -4.695  1.00 10.05 ? 5  DIV B CB1 1 
HETATM 155 C CG1 . DIV B 1 6  ? -4.502  7.898   -5.149  1.00 14.33 ? 5  DIV B CG1 1 
HETATM 156 C CB2 . DIV B 1 6  ? -6.026  5.574   -3.868  1.00 10.30 ? 5  DIV B CB2 1 
HETATM 157 C C   . DIV B 1 6  ? -4.031  4.151   -4.255  1.00 8.19  ? 5  DIV B C   1 
HETATM 158 O O   . DIV B 1 6  ? -2.994  4.234   -3.620  1.00 7.86  ? 5  DIV B O   1 
ATOM   159 N N   . GLY B 1 7  ? -4.619  2.963   -4.492  1.00 6.46  ? 6  GLY B N   1 
ATOM   160 C CA  . GLY B 1 7  ? -4.096  1.728   -3.947  1.00 7.68  ? 6  GLY B CA  1 
ATOM   161 C C   . GLY B 1 7  ? -2.741  1.335   -4.514  1.00 8.32  ? 6  GLY B C   1 
ATOM   162 O O   . GLY B 1 7  ? -1.897  0.802   -3.807  1.00 8.71  ? 6  GLY B O   1 
ATOM   163 N N   . LEU B 1 8  ? -2.539  1.572   -5.817  1.00 6.85  ? 7  LEU B N   1 
ATOM   164 C CA  . LEU B 1 8  ? -1.261  1.180   -6.434  1.00 6.67  ? 7  LEU B CA  1 
ATOM   165 C C   . LEU B 1 8  ? -0.117  2.100   -6.077  1.00 6.52  ? 7  LEU B C   1 
ATOM   166 O O   . LEU B 1 8  ? 1.042   1.667   -5.934  1.00 6.34  ? 7  LEU B O   1 
ATOM   167 C CB  . LEU B 1 8  ? -1.457  1.097   -7.957  1.00 9.41  ? 7  LEU B CB  1 
ATOM   168 C CG  . LEU B 1 8  ? -2.615  0.156   -8.370  1.00 9.79  ? 7  LEU B CG  1 
ATOM   169 C CD1 . LEU B 1 8  ? -2.714  0.039   -9.868  1.00 13.50 ? 7  LEU B CD1 1 
ATOM   170 C CD2 . LEU B 1 8  ? -2.480  -1.196  -7.701  1.00 14.37 ? 7  LEU B CD2 1 
HETATM 171 N N   . AIB B 1 9  ? -0.394  3.399   -5.904  1.00 6.56  ? 8  AIB B N   1 
HETATM 172 C CA  . AIB B 1 9  ? 0.552   4.381   -5.451  1.00 5.48  ? 8  AIB B CA  1 
HETATM 173 C C   . AIB B 1 9  ? 0.948   4.150   -4.005  1.00 6.95  ? 8  AIB B C   1 
HETATM 174 O O   . AIB B 1 9  ? 2.081   4.403   -3.591  1.00 6.68  ? 8  AIB B O   1 
HETATM 175 C CB1 . AIB B 1 9  ? -0.133  5.782   -5.508  1.00 7.60  ? 8  AIB B CB1 1 
HETATM 176 C CB2 . AIB B 1 9  ? 1.801   4.425   -6.346  1.00 7.93  ? 8  AIB B CB2 1 
HETATM 177 N N   . AIB B 1 10 ? -0.046  3.709   -3.206  1.00 5.09  ? 9  AIB B N   1 
HETATM 178 C CA  . AIB B 1 10 ? 0.079   3.769   -1.737  1.00 5.66  ? 9  AIB B CA  1 
HETATM 179 C C   . AIB B 1 10 ? 1.376   3.251   -1.186  1.00 5.17  ? 9  AIB B C   1 
HETATM 180 O O   . AIB B 1 10 ? 1.965   3.925   -0.281  1.00 5.95  ? 9  AIB B O   1 
HETATM 181 C CB1 . AIB B 1 10 ? -1.107  2.984   -1.139  1.00 6.85  ? 9  AIB B CB1 1 
HETATM 182 C CB2 . AIB B 1 10 ? -0.078  5.278   -1.325  1.00 6.63  ? 9  AIB B CB2 1 
HETATM 183 N N   . HYP B 1 11 ? 1.868   2.087   -1.552  1.00 4.51  ? 10 HYP B N   1 
HETATM 184 C CA  . HYP B 1 11 ? 3.079   1.562   -0.916  1.00 6.03  ? 10 HYP B CA  1 
HETATM 185 C C   . HYP B 1 11 ? 4.303   2.427   -1.153  1.00 8.18  ? 10 HYP B C   1 
HETATM 186 O O   . HYP B 1 11 ? 5.318   2.237   -0.448  1.00 7.49  ? 10 HYP B O   1 
HETATM 187 C CB  . HYP B 1 11 ? 3.278   0.187   -1.537  1.00 7.79  ? 10 HYP B CB  1 
HETATM 188 C CG  . HYP B 1 11 ? 1.948   -0.187  -2.117  1.00 4.97  ? 10 HYP B CG  1 
HETATM 189 C CD  . HYP B 1 11 ? 1.348   1.149   -2.548  1.00 4.93  ? 10 HYP B CD  1 
HETATM 190 O OD1 . HYP B 1 11 ? 1.103   -0.734  -1.041  1.00 6.05  ? 10 HYP B OD1 1 
ATOM   191 N N   . GLN B 1 12 ? 4.280   3.310   -2.136  1.00 6.63  ? 11 GLN B N   1 
ATOM   192 C CA  . GLN B 1 12 ? 5.459   4.165   -2.374  1.00 5.77  ? 11 GLN B CA  1 
ATOM   193 C C   . GLN B 1 12 ? 5.424   5.430   -1.562  1.00 5.60  ? 11 GLN B C   1 
ATOM   194 O O   . GLN B 1 12 ? 6.471   6.141   -1.500  1.00 7.87  ? 11 GLN B O   1 
ATOM   195 C CB  . GLN B 1 12 ? 5.508   4.516   -3.874  1.00 6.51  ? 11 GLN B CB  1 
ATOM   196 C CG  . GLN B 1 12 ? 5.379   3.303   -4.796  1.00 6.31  ? 11 GLN B CG  1 
ATOM   197 C CD  . GLN B 1 12 ? 6.259   2.152   -4.464  1.00 7.07  ? 11 GLN B CD  1 
ATOM   198 O OE1 . GLN B 1 12 ? 7.468   2.373   -4.090  1.00 9.28  ? 11 GLN B OE1 1 
ATOM   199 N NE2 . GLN B 1 12 ? 5.804   0.926   -4.508  1.00 7.28  ? 11 GLN B NE2 1 
HETATM 200 N N   . DIV B 1 13 ? 4.342   5.784   -0.895  1.00 5.65  ? 12 DIV B N   1 
HETATM 201 C CA  . DIV B 1 13 ? 4.194   7.008   -0.143  1.00 5.28  ? 12 DIV B CA  1 
HETATM 202 C CB1 . DIV B 1 13 ? 4.153   8.230   -1.102  1.00 7.70  ? 12 DIV B CB1 1 
HETATM 203 C CG1 . DIV B 1 13 ? 3.065   8.059   -2.173  1.00 11.10 ? 12 DIV B CG1 1 
HETATM 204 C CB2 . DIV B 1 13 ? 2.867   6.972   0.655   1.00 7.30  ? 12 DIV B CB2 1 
HETATM 205 C C   . DIV B 1 13 ? 5.329   7.267   0.835   1.00 7.25  ? 12 DIV B C   1 
HETATM 206 O O   . DIV B 1 13 ? 5.692   8.419   1.072   1.00 8.66  ? 12 DIV B O   1 
HETATM 207 N N   . HYP B 1 14 ? 5.858   6.233   1.513   1.00 6.47  ? 13 HYP B N   1 
HETATM 208 C CA  . HYP B 1 14 ? 6.902   6.494   2.496   1.00 8.28  ? 13 HYP B CA  1 
HETATM 209 C C   . HYP B 1 14 ? 8.248   6.881   1.924   1.00 10.34 ? 13 HYP B C   1 
HETATM 210 O O   . HYP B 1 14 ? 9.099   7.294   2.761   1.00 11.64 ? 13 HYP B O   1 
HETATM 211 C CB  . HYP B 1 14 ? 7.045   5.192   3.300   1.00 9.09  ? 13 HYP B CB  1 
HETATM 212 C CG  . HYP B 1 14 ? 5.703   4.494   3.094   1.00 7.61  ? 13 HYP B CG  1 
HETATM 213 C CD  . HYP B 1 14 ? 5.369   4.823   1.627   1.00 5.53  ? 13 HYP B CD  1 
HETATM 214 O OD1 . HYP B 1 14 ? 4.725   5.076   3.965   1.00 9.83  ? 13 HYP B OD1 1 
HETATM 215 N N   . AIB B 1 15 ? 8.473   6.742   0.641   1.00 10.66 ? 14 AIB B N   1 
HETATM 216 C CA  . AIB B 1 15 ? 9.819   6.982   0.052   1.00 11.53 ? 14 AIB B CA  1 
HETATM 217 C C   . AIB B 1 15 ? 10.460  8.265   0.516   1.00 9.90  ? 14 AIB B C   1 
HETATM 218 O O   . AIB B 1 15 ? 11.679  8.241   0.873   1.00 12.59 ? 14 AIB B O   1 
HETATM 219 C CB1 . AIB B 1 15 ? 9.695   7.001   -1.481  1.00 12.28 ? 14 AIB B CB1 1 
HETATM 220 C CB2 . AIB B 1 15 ? 10.696  5.778   0.492   1.00 14.81 ? 14 AIB B CB2 1 
ATOM   221 N N   . PRO B 1 16 ? 9.807   9.390   0.537   1.00 10.42 ? 15 PRO B N   1 
ATOM   222 C CA  . PRO B 1 16 ? 10.507  10.627  0.972   1.00 9.30  ? 15 PRO B CA  1 
ATOM   223 C C   . PRO B 1 16 ? 10.711  10.762  2.449   1.00 11.65 ? 15 PRO B C   1 
ATOM   224 O O   . PRO B 1 16 ? 11.462  11.702  2.861   1.00 13.90 ? 15 PRO B O   1 
ATOM   225 C CB  . PRO B 1 16 ? 9.655   11.741  0.441   1.00 13.60 ? 15 PRO B CB  1 
ATOM   226 C CG  . PRO B 1 16 ? 8.541   11.152  -0.312  1.00 14.88 ? 15 PRO B CG  1 
ATOM   227 C CD  . PRO B 1 16 ? 8.411   9.730   0.147   1.00 13.40 ? 15 PRO B CD  1 
HETATM 228 N N   . PHL B 1 17 ? 10.081  9.940   3.256   1.00 9.75  ? 16 PHL B N   1 
HETATM 229 C CA  . PHL B 1 17 ? 10.160  10.094  4.727   1.00 13.92 ? 16 PHL B CA  1 
HETATM 230 C C   . PHL B 1 17 ? 11.074  9.029   5.292   1.00 21.21 ? 16 PHL B C   1 
HETATM 231 O O   . PHL B 1 17 ? 12.401  9.236   5.107   1.00 21.67 ? 16 PHL B O   1 
HETATM 232 C CB  . PHL B 1 17 ? 8.735   9.990   5.301   1.00 16.99 ? 16 PHL B CB  1 
HETATM 233 C CG  . PHL B 1 17 ? 7.760   10.921  4.667   1.00 10.79 ? 16 PHL B CG  1 
HETATM 234 C CD1 . PHL B 1 17 ? 7.684   12.258  5.106   1.00 14.32 ? 16 PHL B CD1 1 
HETATM 235 C CD2 . PHL B 1 17 ? 6.901   10.558  3.657   1.00 11.28 ? 16 PHL B CD2 1 
HETATM 236 C CE1 . PHL B 1 17 ? 6.792   13.128  4.520   1.00 15.52 ? 16 PHL B CE1 1 
HETATM 237 C CE2 . PHL B 1 17 ? 6.032   11.409  3.040   1.00 13.03 ? 16 PHL B CE2 1 
HETATM 238 C CZ  . PHL B 1 17 ? 5.993   12.748  3.465   1.00 16.57 ? 16 PHL B CZ  1 
HETATM 239 C C   . MOH C 2 .  ? -9.258  -8.551  -7.940  1.00 32.55 ? 18 MOH A C   1 
HETATM 240 O O   . MOH C 2 .  ? -10.096 -8.081  -6.937  1.00 13.06 ? 18 MOH A O   1 
HETATM 241 C C   . MOH D 2 .  ? -11.445 -14.228 -5.050  1.00 16.57 ? 19 MOH A C   1 
HETATM 242 O O   . MOH D 2 .  ? -12.475 -14.704 -4.169  1.00 24.27 ? 19 MOH A O   1 
HETATM 243 C C   . MOH E 2 .  ? -13.293 -14.450 0.648   1.00 18.86 ? 20 MOH A C   1 
HETATM 244 O O   . MOH E 2 .  ? -12.178 -14.728 -0.186  1.00 31.76 ? 20 MOH A O   1 
HETATM 245 C C   . MOH F 2 .  ? -6.847  -7.848  5.546   1.00 15.38 ? 21 MOH A C   1 
HETATM 246 O O   . MOH F 2 .  ? -7.933  -7.750  4.648   1.00 23.12 ? 21 MOH A O   1 
HETATM 247 C C   . MOH G 2 .  ? -5.931  -2.804  -3.679  1.00 34.52 ? 22 MOH A C   1 
HETATM 248 O O   . MOH G 2 .  ? -6.524  -2.189  -4.803  1.00 45.41 ? 22 MOH A O   1 
HETATM 249 O O   . MOH H 2 .  ? 2.952   -8.137  10.835  1.00 37.97 ? 23 MOH A O   1 
HETATM 250 O O   . MOH I 2 .  ? -8.357  -6.322  -7.994  1.00 45.01 ? 24 MOH A O   1 
HETATM 251 O O   . MOH J 2 .  ? -12.199 -4.733  -8.553  1.00 56.37 ? 25 MOH A O   1 
HETATM 252 O O   . MOH K 2 .  ? 10.100  2.568   8.216   1.00 57.75 ? 26 MOH A O   1 
HETATM 253 O O   . MOH L 2 .  ? 9.927   1.406   0.254   1.00 71.46 ? 27 MOH A O   1 
HETATM 254 O O   . MOH M 2 .  ? 8.256   3.132   9.854   1.00 59.91 ? 28 MOH A O   1 
HETATM 255 C C   . MOH N 2 .  ? 14.061  6.569   2.420   1.00 38.93 ? 18 MOH B C   1 
HETATM 256 O O   . MOH N 2 .  ? 13.042  6.843   3.355   1.00 31.98 ? 18 MOH B O   1 
HETATM 257 C C   . MOH O 2 .  ? 8.622   2.290   -0.704  1.00 19.11 ? 19 MOH B C   1 
HETATM 258 O O   . MOH O 2 .  ? 7.867   1.269   -1.299  1.00 32.20 ? 19 MOH B O   1 
HETATM 259 O O   . MOH P 2 .  ? -12.825 8.175   -8.666  1.00 41.90 ? 20 MOH B O   1 
HETATM 260 O O   . MOH Q 2 .  ? -7.014  -2.382  -7.476  1.00 59.74 ? 21 MOH B O   1 
HETATM 261 O O   . MOH R 2 .  ? 10.788  4.880   4.748   1.00 47.73 ? 22 MOH B O   1 
HETATM 262 O O   . MOH S 2 .  ? 8.162   9.423   5.227   1.00 38.20 ? 23 MOH B O   1 
HETATM 263 O O   . MOH T 2 .  ? 9.141   2.483   3.978   1.00 46.44 ? 24 MOH B O   1 
HETATM 264 O O   . MOH U 2 .  ? -7.172  -1.519  -10.382 1.00 51.92 ? 25 MOH B O   1 
HETATM 265 O O   . MOH V 2 .  ? 9.683   5.680   6.641   1.00 54.82 ? 26 MOH B O   1 
HETATM 266 O O   . MOH W 2 .  ? -10.046 -1.172  -4.339  1.00 53.23 ? 27 MOH B O   1 
HETATM 267 O O   . MOH X 2 .  ? 6.277   2.991   6.315   1.00 48.65 ? 28 MOH B O   1 
HETATM 268 O O   . MOH Y 2 .  ? 13.101  4.666   6.037   1.00 49.42 ? 29 MOH B O   1 
# 
